data_2ZVM
#
_entry.id   2ZVM
#
_cell.length_a   167.620
_cell.length_b   68.820
_cell.length_c   90.180
_cell.angle_alpha   90.00
_cell.angle_beta   95.05
_cell.angle_gamma   90.00
#
_symmetry.space_group_name_H-M   'C 1 2 1'
#
loop_
_entity.id
_entity.type
_entity.pdbx_description
1 polymer 'Proliferating cell nuclear antigen'
2 polymer 'DNA polymerase iota'
3 water water
#
loop_
_entity_poly.entity_id
_entity_poly.type
_entity_poly.pdbx_seq_one_letter_code
_entity_poly.pdbx_strand_id
1 'polypeptide(L)'
;MFEARLVQGSILKKVLEALKDLINEACWDISSSGVNLQSMDSSHVSLVQLTLRSEGFDTYRCDRNLAMGVNLTSMSKILK
CAGNEDIITLRAEDNADTLALVFEAPNQEKVSDYEMKLMDLDVEQLGIPEQEYSCVVKMPSGEFARICRDLSHIGDAVVI
SCAKDGVKFSASGELGNGNIKLSQTSNVDKEEEAVTIEMNEPVQLTFALRYLNFFTKATPLSSTVTLSMSADVPLVVEYK
IADMGHLKYYLAPKIEDEEGS
;
A,B,C
2 'polypeptide(L)' ALNTAKKGLIDYYLMPSLSTTSR U,V,W
#
# COMPACT_ATOMS: atom_id res chain seq x y z
N MET A 1 3.03 28.47 33.55
CA MET A 1 2.54 27.67 32.44
C MET A 1 3.57 26.59 32.15
N PHE A 2 3.32 25.83 31.10
CA PHE A 2 4.33 25.05 30.44
C PHE A 2 4.27 25.46 28.98
N GLU A 3 5.42 25.75 28.40
CA GLU A 3 5.46 26.02 26.96
C GLU A 3 6.81 25.58 26.40
N ALA A 4 6.78 24.73 25.38
CA ALA A 4 8.02 24.33 24.70
C ALA A 4 7.83 24.40 23.22
N ARG A 5 8.82 24.91 22.53
CA ARG A 5 8.78 25.10 21.09
C ARG A 5 9.88 24.23 20.49
N LEU A 6 9.50 23.47 19.47
CA LEU A 6 10.38 22.54 18.84
C LEU A 6 10.33 22.83 17.36
N VAL A 7 11.45 23.33 16.84
CA VAL A 7 11.51 23.70 15.43
C VAL A 7 11.39 22.42 14.59
N GLN A 8 12.11 21.40 15.00
CA GLN A 8 11.99 20.12 14.28
C GLN A 8 10.83 19.29 14.79
N GLY A 9 9.62 19.68 14.44
CA GLY A 9 8.45 19.02 15.01
C GLY A 9 8.23 17.55 14.68
N SER A 10 8.85 17.10 13.58
CA SER A 10 8.74 15.73 13.11
C SER A 10 9.19 14.71 14.18
N ILE A 11 10.19 15.09 14.99
CA ILE A 11 10.60 14.32 16.17
C ILE A 11 9.40 13.85 17.00
N LEU A 12 8.51 14.78 17.30
CA LEU A 12 7.32 14.48 18.09
C LEU A 12 6.30 13.62 17.35
N LYS A 13 6.19 13.82 16.05
CA LYS A 13 5.40 12.89 15.22
C LYS A 13 6.00 11.47 15.34
N LYS A 14 7.31 11.37 15.22
CA LYS A 14 7.92 10.06 15.29
C LYS A 14 7.85 9.39 16.64
N VAL A 15 8.00 10.19 17.69
CA VAL A 15 7.80 9.66 19.03
C VAL A 15 6.41 9.06 19.24
N LEU A 16 5.35 9.73 18.83
CA LEU A 16 4.00 9.20 19.02
C LEU A 16 3.72 7.91 18.23
N GLU A 17 4.24 7.90 17.00
CA GLU A 17 4.23 6.73 16.11
C GLU A 17 4.93 5.52 16.78
N ALA A 18 6.09 5.80 17.41
CA ALA A 18 6.82 4.83 18.17
C ALA A 18 6.16 4.32 19.48
N LEU A 19 5.12 5.01 19.95
CA LEU A 19 4.52 4.68 21.26
C LEU A 19 3.10 4.14 21.16
N LYS A 20 2.32 4.71 20.27
CA LYS A 20 0.88 4.57 20.31
C LYS A 20 0.36 3.15 20.09
N ASP A 21 1.13 2.29 19.42
CA ASP A 21 0.60 0.92 19.18
C ASP A 21 0.94 0.04 20.38
N LEU A 22 1.92 0.45 21.18
CA LEU A 22 2.33 -0.31 22.34
C LEU A 22 1.68 0.14 23.64
N ILE A 23 1.49 1.46 23.77
CA ILE A 23 0.99 2.12 25.00
C ILE A 23 -0.29 2.91 24.68
N ASN A 24 -1.36 2.70 25.44
CA ASN A 24 -2.63 3.34 25.16
C ASN A 24 -2.73 4.76 25.70
N GLU A 25 -2.21 4.93 26.91
CA GLU A 25 -2.35 6.11 27.72
C GLU A 25 -1.10 6.20 28.61
N ALA A 26 -0.55 7.40 28.80
CA ALA A 26 0.56 7.59 29.71
C ALA A 26 0.62 9.01 30.25
N CYS A 27 1.28 9.11 31.39
CA CYS A 27 1.66 10.36 31.98
C CYS A 27 2.92 10.95 31.36
N TRP A 28 2.80 12.20 30.88
CA TRP A 28 3.95 13.02 30.47
C TRP A 28 4.34 13.89 31.65
N ASP A 29 5.48 13.53 32.24
CA ASP A 29 6.06 14.31 33.34
C ASP A 29 6.89 15.47 32.78
N ILE A 30 6.30 16.65 32.97
CA ILE A 30 6.91 17.90 32.60
C ILE A 30 7.64 18.53 33.77
N SER A 31 8.85 18.94 33.49
CA SER A 31 9.63 19.66 34.47
C SER A 31 10.68 20.49 33.82
N SER A 32 11.47 21.18 34.66
CA SER A 32 12.48 22.11 34.24
C SER A 32 13.54 21.43 33.45
N SER A 33 13.82 20.18 33.77
CA SER A 33 14.87 19.47 33.03
C SER A 33 14.37 18.99 31.67
N GLY A 34 13.07 18.94 31.45
CA GLY A 34 12.53 18.39 30.19
C GLY A 34 11.30 17.54 30.39
N VAL A 35 11.03 16.69 29.39
CA VAL A 35 9.87 15.81 29.38
C VAL A 35 10.34 14.39 29.60
N ASN A 36 9.64 13.69 30.48
CA ASN A 36 9.90 12.26 30.75
C ASN A 36 8.57 11.48 30.73
N LEU A 37 8.56 10.36 30.03
CA LEU A 37 7.37 9.51 30.06
C LEU A 37 7.85 8.11 30.38
N GLN A 38 7.12 7.42 31.25
CA GLN A 38 7.44 6.04 31.59
C GLN A 38 6.18 5.15 31.68
N SER A 39 6.18 4.00 31.05
CA SER A 39 4.98 3.18 31.10
C SER A 39 5.23 1.74 30.67
N MET A 40 4.65 0.81 31.43
CA MET A 40 4.49 -0.57 31.02
C MET A 40 3.39 -0.73 29.99
N ASP A 41 3.54 -1.67 29.07
CA ASP A 41 2.41 -2.06 28.19
C ASP A 41 1.40 -2.79 29.06
N SER A 42 0.21 -2.99 28.53
CA SER A 42 -0.89 -3.58 29.35
C SER A 42 -0.63 -5.02 29.76
N SER A 43 0.26 -5.74 29.08
CA SER A 43 0.62 -7.07 29.56
C SER A 43 1.74 -7.12 30.62
N HIS A 44 2.36 -5.99 30.95
CA HIS A 44 3.51 -5.90 31.87
C HIS A 44 4.77 -6.69 31.47
N VAL A 45 4.86 -7.08 30.23
CA VAL A 45 6.01 -7.81 29.75
C VAL A 45 7.08 -6.80 29.25
N SER A 46 6.61 -5.64 28.74
CA SER A 46 7.47 -4.53 28.32
C SER A 46 7.25 -3.18 29.02
N LEU A 47 8.22 -2.30 28.85
CA LEU A 47 8.23 -0.96 29.42
C LEU A 47 8.92 0.01 28.48
N VAL A 48 8.38 1.21 28.33
CA VAL A 48 8.99 2.26 27.54
C VAL A 48 9.36 3.48 28.42
N GLN A 49 10.44 4.17 28.05
CA GLN A 49 10.93 5.32 28.77
C GLN A 49 11.45 6.36 27.77
N LEU A 50 10.70 7.47 27.67
CA LEU A 50 11.02 8.59 26.80
C LEU A 50 11.63 9.73 27.64
N THR A 51 12.74 10.25 27.19
CA THR A 51 13.36 11.42 27.79
C THR A 51 13.62 12.43 26.67
N LEU A 52 13.05 13.63 26.82
CA LEU A 52 13.36 14.80 26.03
C LEU A 52 13.87 15.97 26.94
N ARG A 53 15.16 16.31 26.87
CA ARG A 53 15.76 17.36 27.68
C ARG A 53 15.24 18.72 27.24
N SER A 54 15.06 19.62 28.20
CA SER A 54 14.64 21.02 27.91
C SER A 54 15.55 21.77 26.94
N GLU A 55 16.85 21.55 27.08
CA GLU A 55 17.91 22.03 26.13
C GLU A 55 17.65 21.79 24.64
N GLY A 56 17.07 20.64 24.32
CA GLY A 56 16.85 20.25 22.93
C GLY A 56 15.66 20.96 22.26
N PHE A 57 14.89 21.72 23.05
CA PHE A 57 13.78 22.50 22.52
C PHE A 57 14.31 23.87 22.14
N ASP A 58 13.66 24.56 21.21
CA ASP A 58 14.17 25.91 20.89
C ASP A 58 13.81 26.97 21.93
N THR A 59 12.59 26.93 22.46
CA THR A 59 12.33 27.61 23.74
C THR A 59 11.72 26.60 24.67
N TYR A 60 11.92 26.83 25.97
CA TYR A 60 11.38 25.96 27.00
C TYR A 60 11.06 26.69 28.31
N ARG A 61 9.81 26.54 28.74
CA ARG A 61 9.28 27.19 29.93
C ARG A 61 8.51 26.17 30.75
N CYS A 62 8.85 26.07 32.03
CA CYS A 62 8.06 25.28 32.97
C CYS A 62 7.96 25.95 34.35
N ASP A 63 6.80 26.54 34.67
CA ASP A 63 6.63 27.26 35.95
C ASP A 63 6.36 26.30 37.07
N ARG A 64 5.56 25.26 36.79
CA ARG A 64 5.21 24.27 37.80
C ARG A 64 5.22 22.85 37.19
N ASN A 65 5.83 21.90 37.91
CA ASN A 65 5.84 20.52 37.52
C ASN A 65 4.45 20.08 37.24
N LEU A 66 4.33 19.29 36.17
CA LEU A 66 3.06 18.86 35.58
C LEU A 66 3.11 17.36 35.25
N ALA A 67 2.13 16.61 35.73
CA ALA A 67 1.90 15.26 35.29
C ALA A 67 0.72 15.31 34.35
N MET A 68 0.94 15.18 33.05
CA MET A 68 -0.20 15.26 32.08
C MET A 68 -0.64 13.89 31.56
N GLY A 69 -1.86 13.50 31.92
CA GLY A 69 -2.47 12.24 31.50
C GLY A 69 -2.91 12.31 30.06
N VAL A 70 -2.28 11.50 29.18
CA VAL A 70 -2.52 11.55 27.70
C VAL A 70 -2.92 10.19 27.11
N ASN A 71 -3.96 10.23 26.29
CA ASN A 71 -4.37 9.12 25.47
C ASN A 71 -3.55 9.24 24.20
N LEU A 72 -2.61 8.32 24.01
CA LEU A 72 -1.58 8.46 22.95
C LEU A 72 -2.18 8.34 21.54
N THR A 73 -3.37 7.77 21.44
CA THR A 73 -4.03 7.65 20.15
C THR A 73 -4.62 8.98 19.74
N SER A 74 -5.25 9.68 20.67
CA SER A 74 -5.70 11.03 20.44
C SER A 74 -4.56 11.96 20.06
N MET A 75 -3.46 11.87 20.79
CA MET A 75 -2.31 12.75 20.55
C MET A 75 -1.75 12.49 19.19
N SER A 76 -1.74 11.23 18.82
CA SER A 76 -1.26 10.79 17.50
C SER A 76 -2.12 11.32 16.35
N LYS A 77 -3.44 11.23 16.52
CA LYS A 77 -4.38 11.89 15.61
C LYS A 77 -4.13 13.37 15.39
N ILE A 78 -3.84 14.07 16.46
CA ILE A 78 -3.55 15.47 16.38
C ILE A 78 -2.24 15.72 15.62
N LEU A 79 -1.17 15.03 16.00
CA LEU A 79 0.13 15.20 15.38
C LEU A 79 0.17 14.83 13.90
N LYS A 80 -0.76 13.97 13.48
CA LYS A 80 -1.03 13.69 12.06
C LYS A 80 -1.37 14.91 11.26
N CYS A 81 -1.89 15.91 11.93
CA CYS A 81 -2.35 17.12 11.27
C CYS A 81 -1.18 18.10 11.15
N ALA A 82 -0.01 17.71 11.66
CA ALA A 82 1.23 18.45 11.49
C ALA A 82 1.98 17.93 10.28
N GLY A 83 2.49 18.87 9.47
CA GLY A 83 3.40 18.51 8.37
C GLY A 83 4.76 18.24 8.95
N ASN A 84 5.59 17.54 8.19
CA ASN A 84 6.88 17.08 8.65
C ASN A 84 7.84 18.19 8.83
N GLU A 85 7.65 19.31 8.13
CA GLU A 85 8.51 20.49 8.34
C GLU A 85 8.03 21.50 9.37
N ASP A 86 6.86 21.29 9.96
CA ASP A 86 6.31 22.27 10.89
C ASP A 86 7.12 22.45 12.17
N ILE A 87 7.00 23.67 12.68
CA ILE A 87 7.42 24.07 13.99
C ILE A 87 6.22 23.81 14.89
N ILE A 88 6.46 23.06 15.96
CA ILE A 88 5.40 22.58 16.84
C ILE A 88 5.65 23.16 18.23
N THR A 89 4.63 23.81 18.80
CA THR A 89 4.70 24.37 20.15
C THR A 89 3.62 23.75 20.99
N LEU A 90 4.06 23.25 22.14
CA LEU A 90 3.18 22.74 23.16
C LEU A 90 2.99 23.74 24.29
N ARG A 91 1.78 23.81 24.83
CA ARG A 91 1.46 24.82 25.83
C ARG A 91 0.33 24.36 26.70
N ALA A 92 0.57 24.40 28.00
CA ALA A 92 -0.39 24.00 29.00
C ALA A 92 -0.38 25.03 30.12
N GLU A 93 -1.55 25.59 30.41
CA GLU A 93 -1.73 26.40 31.61
C GLU A 93 -1.49 25.52 32.87
N ASP A 94 -1.19 26.18 33.99
CA ASP A 94 -0.67 25.49 35.21
C ASP A 94 -1.66 24.55 35.92
N ASN A 95 -2.94 24.86 35.79
CA ASN A 95 -4.02 23.99 36.26
C ASN A 95 -4.64 23.25 35.06
N ALA A 96 -3.80 22.81 34.14
CA ALA A 96 -4.29 22.33 32.83
C ALA A 96 -5.27 21.15 32.93
N ASP A 97 -6.37 21.26 32.19
CA ASP A 97 -7.14 20.07 31.83
C ASP A 97 -7.05 19.77 30.31
N THR A 98 -6.37 20.65 29.60
CA THR A 98 -6.10 20.51 28.19
C THR A 98 -4.63 20.89 27.88
N LEU A 99 -4.14 20.37 26.77
CA LEU A 99 -2.87 20.77 26.19
C LEU A 99 -3.13 21.40 24.81
N ALA A 100 -2.55 22.56 24.61
CA ALA A 100 -2.48 23.23 23.29
C ALA A 100 -1.25 22.76 22.46
N LEU A 101 -1.51 22.44 21.20
CA LEU A 101 -0.48 22.08 20.21
C LEU A 101 -0.64 23.02 19.02
N VAL A 102 0.40 23.79 18.72
CA VAL A 102 0.36 24.77 17.68
C VAL A 102 1.40 24.38 16.62
N PHE A 103 0.91 24.29 15.38
CA PHE A 103 1.71 23.91 14.24
C PHE A 103 1.90 25.09 13.34
N GLU A 104 3.14 25.53 13.18
CA GLU A 104 3.50 26.65 12.31
C GLU A 104 4.18 26.14 11.07
N ALA A 105 3.55 26.32 9.90
CA ALA A 105 4.11 25.81 8.67
C ALA A 105 5.33 26.66 8.18
N PRO A 106 6.27 25.98 7.47
CA PRO A 106 7.54 26.68 7.09
C PRO A 106 7.24 27.69 5.96
N ASN A 107 6.53 27.20 4.97
CA ASN A 107 6.48 27.85 3.71
C ASN A 107 5.35 28.72 3.79
N GLN A 108 4.18 28.15 3.99
CA GLN A 108 2.92 28.83 3.67
C GLN A 108 2.46 29.62 4.90
N GLU A 109 1.55 30.58 4.68
CA GLU A 109 0.86 31.32 5.75
C GLU A 109 -0.34 30.45 6.21
N LYS A 110 0.01 29.41 6.95
CA LYS A 110 -0.89 28.47 7.54
C LYS A 110 -0.39 28.31 8.98
N VAL A 111 -1.30 28.45 9.95
CA VAL A 111 -1.05 28.06 11.34
C VAL A 111 -2.25 27.23 11.79
N SER A 112 -1.98 26.17 12.56
CA SER A 112 -3.00 25.30 13.09
C SER A 112 -2.87 25.27 14.59
N ASP A 113 -4.00 25.30 15.31
CA ASP A 113 -4.01 25.11 16.76
C ASP A 113 -5.01 24.02 17.12
N TYR A 114 -4.57 23.09 17.97
CA TYR A 114 -5.35 22.03 18.54
C TYR A 114 -5.36 22.10 20.07
N GLU A 115 -6.45 21.67 20.65
CA GLU A 115 -6.65 21.63 22.07
C GLU A 115 -7.03 20.19 22.34
N MET A 116 -6.23 19.49 23.14
CA MET A 116 -6.44 18.09 23.44
C MET A 116 -6.85 17.93 24.91
N LYS A 117 -7.96 17.24 25.12
CA LYS A 117 -8.37 16.91 26.45
C LYS A 117 -7.37 15.97 27.11
N LEU A 118 -7.06 16.25 28.37
CA LEU A 118 -6.18 15.40 29.16
C LEU A 118 -7.02 14.39 29.92
N MET A 119 -6.41 13.32 30.42
CA MET A 119 -7.12 12.36 31.26
C MET A 119 -6.56 12.34 32.69
N ASP A 120 -7.32 11.69 33.55
CA ASP A 120 -6.95 11.55 34.94
C ASP A 120 -6.35 10.18 35.07
N LEU A 121 -5.02 10.10 35.14
CA LEU A 121 -4.34 8.82 35.26
C LEU A 121 -3.73 8.73 36.62
N ASP A 122 -4.01 7.66 37.35
CA ASP A 122 -3.27 7.39 38.59
C ASP A 122 -2.31 6.21 38.40
N VAL A 123 -1.24 6.44 37.64
CA VAL A 123 -0.27 5.39 37.36
C VAL A 123 0.65 5.15 38.56
N GLU A 124 1.28 3.99 38.60
CA GLU A 124 2.16 3.66 39.72
C GLU A 124 3.54 4.17 39.38
N GLN A 125 4.14 4.88 40.33
CA GLN A 125 5.51 5.31 40.17
C GLN A 125 6.42 4.05 40.28
N LEU A 126 7.45 3.92 39.48
CA LEU A 126 8.41 2.87 39.85
C LEU A 126 9.75 2.93 39.17
N GLY A 127 10.81 2.62 39.90
CA GLY A 127 12.17 2.89 39.46
C GLY A 127 12.79 1.88 38.52
N ILE A 128 13.36 2.39 37.42
CA ILE A 128 14.17 1.60 36.48
C ILE A 128 15.60 1.52 37.02
N PRO A 129 16.08 0.32 37.30
CA PRO A 129 17.47 0.18 37.77
C PRO A 129 18.53 0.73 36.80
N GLU A 130 19.59 1.36 37.31
CA GLU A 130 20.72 1.75 36.47
C GLU A 130 21.77 0.68 36.63
N GLN A 131 22.20 0.12 35.51
CA GLN A 131 23.22 -0.93 35.54
C GLN A 131 24.17 -1.00 34.33
N GLU A 132 25.20 -1.80 34.52
CA GLU A 132 26.21 -2.11 33.53
C GLU A 132 25.82 -3.45 32.97
N TYR A 133 25.91 -3.63 31.66
CA TYR A 133 25.45 -4.86 31.02
C TYR A 133 26.62 -5.75 30.55
N SER A 134 26.39 -7.09 30.55
CA SER A 134 27.29 -8.11 30.02
C SER A 134 27.67 -7.88 28.54
N CYS A 135 26.69 -7.50 27.73
CA CYS A 135 26.87 -7.28 26.29
C CYS A 135 26.11 -6.03 25.78
N VAL A 136 26.80 -5.20 25.02
CA VAL A 136 26.19 -4.05 24.36
C VAL A 136 26.47 -4.09 22.86
N VAL A 137 25.39 -4.01 22.06
CA VAL A 137 25.54 -4.17 20.61
C VAL A 137 25.00 -2.93 19.92
N LYS A 138 25.86 -2.25 19.20
CA LYS A 138 25.47 -1.08 18.47
C LYS A 138 25.37 -1.47 16.99
N MET A 139 24.24 -1.15 16.35
CA MET A 139 23.96 -1.59 15.01
C MET A 139 22.96 -0.70 14.28
N PRO A 140 22.88 -0.86 12.94
CA PRO A 140 21.86 -0.15 12.13
C PRO A 140 20.43 -0.47 12.53
N SER A 141 19.62 0.55 12.69
CA SER A 141 18.26 0.34 13.19
C SER A 141 17.44 -0.44 12.17
N GLY A 142 17.62 -0.09 10.89
CA GLY A 142 17.00 -0.77 9.77
C GLY A 142 17.28 -2.26 9.69
N GLU A 143 18.54 -2.64 9.90
CA GLU A 143 19.00 -4.03 9.97
C GLU A 143 18.35 -4.78 11.14
N PHE A 144 18.40 -4.19 12.33
CA PHE A 144 17.67 -4.80 13.43
C PHE A 144 16.16 -5.02 13.18
N ALA A 145 15.51 -4.03 12.60
CA ALA A 145 14.11 -4.15 12.20
C ALA A 145 13.85 -5.26 11.18
N ARG A 146 14.74 -5.42 10.16
CA ARG A 146 14.59 -6.47 9.17
C ARG A 146 14.76 -7.86 9.84
N ILE A 147 15.75 -7.98 10.72
CA ILE A 147 16.01 -9.21 11.44
C ILE A 147 14.79 -9.62 12.24
N CYS A 148 14.28 -8.71 13.07
CA CYS A 148 13.14 -9.05 13.93
C CYS A 148 11.93 -9.42 13.10
N ARG A 149 11.75 -8.74 11.97
CA ARG A 149 10.61 -8.97 11.14
C ARG A 149 10.69 -10.32 10.48
N ASP A 150 11.83 -10.59 9.85
CA ASP A 150 12.09 -11.85 9.13
C ASP A 150 12.03 -13.03 10.06
N LEU A 151 12.65 -12.91 11.26
CA LEU A 151 12.65 -14.08 12.18
C LEU A 151 11.27 -14.38 12.72
N SER A 152 10.37 -13.40 12.73
CA SER A 152 9.04 -13.59 13.33
C SER A 152 8.12 -14.36 12.36
N HIS A 153 8.62 -14.56 11.15
CA HIS A 153 7.93 -15.40 10.24
C HIS A 153 8.34 -16.86 10.40
N ILE A 154 9.39 -17.10 11.18
CA ILE A 154 9.89 -18.43 11.45
C ILE A 154 9.41 -18.99 12.82
N GLY A 155 9.49 -18.13 13.85
CA GLY A 155 9.01 -18.44 15.18
C GLY A 155 8.67 -17.22 16.05
N ASP A 156 8.19 -17.48 17.26
CA ASP A 156 7.65 -16.47 18.15
C ASP A 156 8.74 -15.85 19.04
N ALA A 157 9.84 -16.55 19.15
CA ALA A 157 10.91 -16.25 20.12
C ALA A 157 12.21 -16.02 19.37
N VAL A 158 13.04 -15.08 19.81
CA VAL A 158 14.44 -15.00 19.38
C VAL A 158 15.42 -15.30 20.53
N VAL A 159 16.37 -16.20 20.23
CA VAL A 159 17.58 -16.41 21.01
C VAL A 159 18.65 -15.49 20.41
N ILE A 160 19.13 -14.54 21.22
CA ILE A 160 20.25 -13.66 20.91
C ILE A 160 21.53 -14.14 21.66
N SER A 161 22.56 -14.54 20.92
CA SER A 161 23.88 -14.92 21.48
C SER A 161 24.88 -13.89 21.08
N CYS A 162 25.77 -13.53 21.98
CA CYS A 162 26.75 -12.54 21.67
C CYS A 162 28.13 -13.13 22.10
N ALA A 163 29.17 -12.86 21.27
CA ALA A 163 30.59 -13.14 21.56
C ALA A 163 31.44 -11.90 21.18
N LYS A 164 32.77 -11.96 21.29
CA LYS A 164 33.59 -10.72 21.16
C LYS A 164 33.42 -10.14 19.74
N ASP A 165 33.28 -11.03 18.75
CA ASP A 165 33.38 -10.64 17.35
C ASP A 165 32.10 -10.71 16.57
N GLY A 166 30.99 -11.00 17.26
CA GLY A 166 29.74 -11.35 16.59
C GLY A 166 28.49 -11.53 17.43
N VAL A 167 27.37 -11.14 16.87
CA VAL A 167 26.11 -11.41 17.52
C VAL A 167 25.28 -12.26 16.56
N LYS A 168 24.58 -13.24 17.14
CA LYS A 168 23.71 -14.13 16.43
C LYS A 168 22.26 -13.99 16.90
N PHE A 169 21.32 -14.01 15.97
CA PHE A 169 19.88 -14.07 16.29
C PHE A 169 19.25 -15.27 15.71
N SER A 170 18.63 -16.08 16.56
CA SER A 170 17.98 -17.26 16.01
C SER A 170 16.58 -17.56 16.57
N ALA A 171 15.79 -18.22 15.72
CA ALA A 171 14.42 -18.56 15.98
C ALA A 171 14.14 -19.93 15.36
N SER A 172 13.15 -20.62 15.91
CA SER A 172 12.80 -21.93 15.44
C SER A 172 11.33 -22.11 15.63
N GLY A 173 10.71 -22.78 14.66
CA GLY A 173 9.31 -23.01 14.70
C GLY A 173 8.89 -24.28 14.00
N GLU A 174 7.64 -24.29 13.61
CA GLU A 174 7.06 -25.45 13.00
C GLU A 174 7.72 -25.74 11.62
N LEU A 175 8.08 -24.72 10.84
CA LEU A 175 8.63 -24.91 9.48
C LEU A 175 10.14 -25.25 9.47
N GLY A 176 10.76 -25.05 10.62
CA GLY A 176 12.16 -25.30 10.83
C GLY A 176 12.75 -24.13 11.59
N ASN A 177 13.97 -23.77 11.23
CA ASN A 177 14.69 -22.81 12.04
C ASN A 177 15.56 -21.91 11.20
N GLY A 178 16.11 -20.89 11.84
CA GLY A 178 16.80 -19.80 11.16
C GLY A 178 17.77 -19.13 12.09
N ASN A 179 18.96 -18.81 11.60
CA ASN A 179 19.84 -17.95 12.35
C ASN A 179 20.65 -16.97 11.51
N ILE A 180 20.81 -15.78 12.07
CA ILE A 180 21.44 -14.68 11.39
C ILE A 180 22.61 -14.21 12.25
N LYS A 181 23.78 -14.17 11.66
CA LYS A 181 25.02 -13.81 12.35
C LYS A 181 25.58 -12.53 11.75
N LEU A 182 25.87 -11.55 12.62
CA LEU A 182 26.44 -10.29 12.20
C LEU A 182 27.80 -10.16 12.85
N SER A 183 28.83 -9.95 12.03
CA SER A 183 30.16 -9.78 12.53
C SER A 183 30.39 -8.34 12.91
N GLN A 184 31.13 -8.15 14.00
CA GLN A 184 31.75 -6.89 14.39
C GLN A 184 32.51 -6.27 13.22
N THR A 185 32.40 -4.94 13.11
CA THR A 185 32.78 -4.20 11.90
C THR A 185 34.13 -3.42 11.90
N SER A 186 34.94 -3.69 10.87
CA SER A 186 36.30 -3.16 10.75
C SER A 186 36.49 -2.50 9.36
N ALA A 194 27.48 -0.45 10.12
CA ALA A 194 28.49 -0.71 11.19
C ALA A 194 27.93 -1.43 12.44
N VAL A 195 28.55 -2.54 12.83
CA VAL A 195 28.19 -3.26 14.03
C VAL A 195 29.31 -3.21 15.04
N THR A 196 28.98 -2.94 16.29
CA THR A 196 29.96 -2.84 17.35
C THR A 196 29.44 -3.58 18.57
N ILE A 197 30.29 -4.47 19.10
CA ILE A 197 29.96 -5.43 20.14
C ILE A 197 30.96 -5.29 21.26
N GLU A 198 30.46 -5.07 22.47
CA GLU A 198 31.30 -4.97 23.65
C GLU A 198 30.81 -6.05 24.56
N MET A 199 31.60 -7.13 24.59
CA MET A 199 31.24 -8.35 25.31
C MET A 199 32.16 -8.50 26.49
N ASN A 200 31.68 -8.10 27.66
CA ASN A 200 32.32 -8.44 28.92
C ASN A 200 32.14 -9.89 29.30
N GLU A 201 31.04 -10.48 28.87
CA GLU A 201 30.73 -11.86 29.21
C GLU A 201 29.60 -12.37 28.35
N PRO A 202 29.70 -13.61 27.82
CA PRO A 202 28.77 -14.00 26.75
C PRO A 202 27.36 -14.27 27.26
N VAL A 203 26.38 -13.98 26.41
CA VAL A 203 24.99 -14.17 26.81
C VAL A 203 24.31 -15.08 25.78
N GLN A 204 23.34 -15.84 26.25
CA GLN A 204 22.43 -16.48 25.34
C GLN A 204 21.05 -16.34 25.96
N LEU A 205 20.21 -15.53 25.35
CA LEU A 205 18.99 -15.04 25.97
C LEU A 205 17.81 -15.14 25.01
N THR A 206 16.62 -15.41 25.56
CA THR A 206 15.41 -15.56 24.78
C THR A 206 14.38 -14.44 25.07
N PHE A 207 13.90 -13.83 23.98
CA PHE A 207 12.90 -12.77 23.98
C PHE A 207 11.78 -12.97 22.95
N ALA A 208 10.60 -12.47 23.27
CA ALA A 208 9.46 -12.49 22.38
C ALA A 208 9.59 -11.50 21.24
N LEU A 209 9.68 -12.06 20.06
CA LEU A 209 9.78 -11.29 18.82
C LEU A 209 8.60 -10.28 18.64
N ARG A 210 7.42 -10.62 19.12
CA ARG A 210 6.30 -9.75 18.86
C ARG A 210 6.52 -8.34 19.42
N TYR A 211 7.09 -8.30 20.61
CA TYR A 211 7.31 -7.00 21.26
C TYR A 211 8.42 -6.21 20.60
N LEU A 212 9.44 -6.87 20.11
CA LEU A 212 10.52 -6.21 19.41
C LEU A 212 9.96 -5.58 18.16
N ASN A 213 9.05 -6.24 17.51
CA ASN A 213 8.38 -5.63 16.40
C ASN A 213 7.57 -4.38 16.73
N PHE A 214 7.06 -4.25 17.96
CA PHE A 214 6.55 -2.94 18.42
C PHE A 214 7.69 -1.94 18.62
N PHE A 215 8.78 -2.36 19.23
CA PHE A 215 9.86 -1.41 19.51
C PHE A 215 10.43 -0.80 18.20
N THR A 216 10.47 -1.59 17.13
CA THR A 216 11.13 -1.13 15.90
C THR A 216 10.32 -0.04 15.16
N LYS A 217 9.11 0.28 15.66
CA LYS A 217 8.36 1.43 15.19
C LYS A 217 9.06 2.76 15.46
N ALA A 218 10.11 2.72 16.28
CA ALA A 218 11.00 3.87 16.57
C ALA A 218 12.13 4.03 15.55
N THR A 219 12.19 3.14 14.58
CA THR A 219 13.31 3.13 13.66
C THR A 219 13.53 4.51 13.03
N PRO A 220 12.44 5.22 12.67
CA PRO A 220 12.67 6.57 12.04
C PRO A 220 13.42 7.64 12.91
N LEU A 221 13.47 7.47 14.22
CA LEU A 221 14.13 8.43 15.12
C LEU A 221 15.62 8.36 15.07
N SER A 222 16.15 7.24 14.61
CA SER A 222 17.58 7.03 14.55
C SER A 222 18.00 5.96 13.53
N SER A 223 19.10 6.24 12.86
CA SER A 223 19.67 5.32 11.93
C SER A 223 20.47 4.22 12.66
N THR A 224 20.65 4.37 13.99
CA THR A 224 21.32 3.45 14.92
C THR A 224 20.40 3.01 16.11
N VAL A 225 20.63 1.79 16.60
CA VAL A 225 19.96 1.19 17.75
C VAL A 225 21.05 0.52 18.58
N THR A 226 20.82 0.43 19.89
CA THR A 226 21.71 -0.21 20.83
C THR A 226 20.93 -1.18 21.69
N LEU A 227 21.41 -2.41 21.70
CA LEU A 227 20.87 -3.53 22.47
C LEU A 227 21.82 -3.82 23.60
N SER A 228 21.35 -3.69 24.83
CA SER A 228 22.11 -3.99 26.04
C SER A 228 21.47 -5.17 26.75
N MET A 229 22.26 -6.19 27.06
CA MET A 229 21.71 -7.41 27.70
C MET A 229 22.64 -8.07 28.71
N SER A 230 22.01 -8.66 29.73
CA SER A 230 22.66 -9.53 30.71
C SER A 230 21.72 -10.62 31.05
N ALA A 231 22.27 -11.69 31.62
CA ALA A 231 21.45 -12.79 32.16
C ALA A 231 20.51 -12.22 33.22
N ASP A 232 19.29 -12.73 33.29
CA ASP A 232 18.40 -12.49 34.44
C ASP A 232 17.83 -11.07 34.52
N VAL A 233 17.93 -10.29 33.44
CA VAL A 233 17.39 -8.94 33.41
C VAL A 233 16.76 -8.60 32.06
N PRO A 234 15.83 -7.65 32.03
CA PRO A 234 15.29 -7.27 30.75
C PRO A 234 16.33 -6.76 29.75
N LEU A 235 16.05 -6.98 28.49
CA LEU A 235 16.79 -6.39 27.38
C LEU A 235 16.42 -4.92 27.30
N VAL A 236 17.37 -4.07 26.96
CA VAL A 236 17.02 -2.69 26.59
C VAL A 236 17.37 -2.39 25.13
N VAL A 237 16.42 -1.78 24.45
CA VAL A 237 16.56 -1.44 23.07
C VAL A 237 16.45 0.08 22.98
N GLU A 238 17.55 0.77 22.65
CA GLU A 238 17.62 2.21 22.82
C GLU A 238 17.84 2.89 21.50
N TYR A 239 16.95 3.87 21.20
CA TYR A 239 17.05 4.80 20.10
C TYR A 239 17.34 6.23 20.57
N LYS A 240 18.43 6.82 20.06
CA LYS A 240 18.76 8.21 20.35
C LYS A 240 17.92 9.20 19.56
N ILE A 241 17.44 10.22 20.27
CA ILE A 241 16.74 11.33 19.68
C ILE A 241 17.78 12.48 19.68
N ALA A 242 18.50 12.64 18.57
CA ALA A 242 19.86 13.24 18.61
C ALA A 242 19.72 14.66 19.03
N ASP A 243 20.58 15.09 19.95
CA ASP A 243 20.50 16.40 20.60
C ASP A 243 19.22 16.60 21.48
N MET A 244 18.62 15.55 22.01
CA MET A 244 17.51 15.80 22.91
C MET A 244 17.27 14.75 23.98
N GLY A 245 17.45 13.49 23.61
CA GLY A 245 17.29 12.40 24.53
C GLY A 245 17.20 11.04 23.85
N HIS A 246 16.12 10.32 24.11
CA HIS A 246 16.11 8.90 23.78
C HIS A 246 14.75 8.27 24.02
N LEU A 247 14.57 7.09 23.46
CA LEU A 247 13.45 6.21 23.73
C LEU A 247 14.08 4.84 23.99
N LYS A 248 13.87 4.33 25.20
CA LYS A 248 14.35 3.03 25.58
C LYS A 248 13.12 2.12 25.72
N TYR A 249 13.20 0.95 25.09
CA TYR A 249 12.24 -0.10 25.36
C TYR A 249 12.89 -1.19 26.23
N TYR A 250 12.23 -1.61 27.28
CA TYR A 250 12.68 -2.75 28.08
C TYR A 250 11.80 -4.02 27.88
N LEU A 251 12.45 -5.16 27.70
CA LEU A 251 11.71 -6.41 27.51
C LEU A 251 12.14 -7.53 28.46
N ALA A 252 11.21 -7.98 29.30
CA ALA A 252 11.44 -9.12 30.13
C ALA A 252 11.81 -10.34 29.30
N PRO A 253 12.70 -11.23 29.84
CA PRO A 253 12.99 -12.52 29.18
C PRO A 253 11.75 -13.40 29.06
N LYS A 254 11.69 -14.15 27.96
CA LYS A 254 10.54 -14.96 27.62
C LYS A 254 10.74 -16.26 28.35
N ILE A 255 9.69 -16.65 29.08
CA ILE A 255 9.68 -17.83 29.92
C ILE A 255 8.51 -18.75 29.53
N LYS B 6 6.28 -14.53 36.82
CA LYS B 6 6.90 -13.49 37.70
C LYS B 6 8.06 -12.92 36.93
N LYS B 7 9.02 -13.78 36.67
CA LYS B 7 10.25 -13.38 35.96
C LYS B 7 10.01 -12.97 34.47
N GLY B 8 8.86 -13.31 33.91
CA GLY B 8 8.51 -12.86 32.57
C GLY B 8 7.82 -11.51 32.56
N LEU B 9 7.73 -10.84 33.71
CA LEU B 9 7.02 -9.58 33.80
C LEU B 9 7.98 -8.48 34.25
N ILE B 10 7.85 -7.30 33.66
CA ILE B 10 8.72 -6.18 33.98
C ILE B 10 8.73 -5.84 35.47
N ASP B 11 7.54 -5.88 36.09
CA ASP B 11 7.38 -5.72 37.57
C ASP B 11 8.45 -6.40 38.44
N TYR B 12 8.94 -7.55 38.02
CA TYR B 12 9.92 -8.35 38.77
C TYR B 12 11.26 -7.65 38.96
N TYR B 13 11.62 -6.82 37.99
CA TYR B 13 12.95 -6.24 37.89
C TYR B 13 13.06 -4.75 38.30
N LEU B 14 11.91 -4.11 38.56
CA LEU B 14 11.90 -2.73 38.87
C LEU B 14 12.29 -2.53 40.34
N MET B 15 12.73 -1.31 40.67
CA MET B 15 13.19 -0.96 42.00
C MET B 15 12.04 -0.93 43.06
N PRO B 16 12.25 -1.55 44.24
CA PRO B 16 13.42 -2.41 44.57
C PRO B 16 13.29 -3.75 43.83
N SER B 17 14.31 -4.10 43.05
CA SER B 17 14.32 -5.35 42.28
C SER B 17 14.19 -6.64 43.11
N LEU B 18 13.39 -7.55 42.56
CA LEU B 18 13.04 -8.83 43.19
C LEU B 18 14.05 -9.94 42.80
N MET C 1 -25.78 10.15 -34.93
CA MET C 1 -24.75 9.46 -34.10
C MET C 1 -24.15 10.39 -33.04
N PHE C 2 -23.64 9.83 -31.92
CA PHE C 2 -22.76 10.55 -31.05
C PHE C 2 -21.32 9.96 -31.13
N GLU C 3 -20.33 10.84 -31.33
CA GLU C 3 -18.93 10.45 -31.32
C GLU C 3 -18.04 11.61 -30.87
N ALA C 4 -17.18 11.34 -29.90
CA ALA C 4 -16.31 12.35 -29.27
C ALA C 4 -14.91 11.75 -29.09
N ARG C 5 -13.89 12.41 -29.63
CA ARG C 5 -12.52 12.00 -29.46
C ARG C 5 -11.80 12.99 -28.54
N LEU C 6 -11.23 12.46 -27.46
CA LEU C 6 -10.50 13.23 -26.46
C LEU C 6 -9.07 12.72 -26.41
N VAL C 7 -8.11 13.52 -26.89
CA VAL C 7 -6.70 13.10 -26.92
C VAL C 7 -6.13 12.86 -25.50
N GLN C 8 -6.59 13.67 -24.55
CA GLN C 8 -6.25 13.56 -23.11
C GLN C 8 -7.26 12.68 -22.41
N GLY C 9 -7.17 11.39 -22.64
CA GLY C 9 -8.20 10.48 -22.14
C GLY C 9 -8.15 10.33 -20.64
N SER C 10 -7.04 10.78 -20.03
CA SER C 10 -6.91 10.73 -18.58
C SER C 10 -7.92 11.67 -17.86
N ILE C 11 -8.39 12.70 -18.56
CA ILE C 11 -9.48 13.59 -18.03
C ILE C 11 -10.66 12.71 -17.60
N LEU C 12 -11.08 11.81 -18.49
CA LEU C 12 -12.24 10.94 -18.23
C LEU C 12 -11.99 9.89 -17.17
N LYS C 13 -10.78 9.35 -17.15
CA LYS C 13 -10.38 8.45 -16.05
C LYS C 13 -10.49 9.15 -14.71
N LYS C 14 -9.98 10.36 -14.63
CA LYS C 14 -10.07 11.16 -13.44
C LYS C 14 -11.50 11.62 -13.06
N VAL C 15 -12.28 12.02 -14.05
CA VAL C 15 -13.68 12.33 -13.81
C VAL C 15 -14.36 11.16 -13.14
N LEU C 16 -14.19 9.96 -13.69
CA LEU C 16 -15.00 8.83 -13.17
C LEU C 16 -14.50 8.43 -11.75
N GLU C 17 -13.21 8.60 -11.51
CA GLU C 17 -12.71 8.41 -10.16
C GLU C 17 -13.31 9.45 -9.20
N ALA C 18 -13.61 10.66 -9.70
CA ALA C 18 -14.17 11.74 -8.93
C ALA C 18 -15.66 11.59 -8.72
N LEU C 19 -16.29 10.68 -9.46
CA LEU C 19 -17.75 10.48 -9.38
C LEU C 19 -18.16 9.21 -8.64
N LYS C 20 -17.39 8.14 -8.86
CA LYS C 20 -17.88 6.78 -8.62
C LYS C 20 -18.05 6.36 -7.16
N ASP C 21 -17.38 7.03 -6.22
CA ASP C 21 -17.67 6.75 -4.80
C ASP C 21 -18.72 7.62 -4.15
N LEU C 22 -19.13 8.70 -4.83
CA LEU C 22 -20.29 9.53 -4.46
C LEU C 22 -21.61 9.06 -5.10
N ILE C 23 -21.61 8.78 -6.39
CA ILE C 23 -22.84 8.33 -7.01
C ILE C 23 -22.74 7.00 -7.81
N ASN C 24 -23.75 6.12 -7.69
CA ASN C 24 -23.77 4.81 -8.39
C ASN C 24 -24.13 4.87 -9.89
N GLU C 25 -25.11 5.71 -10.21
CA GLU C 25 -25.70 5.76 -11.54
C GLU C 25 -26.03 7.19 -11.92
N ALA C 26 -26.07 7.48 -13.20
CA ALA C 26 -26.35 8.84 -13.67
C ALA C 26 -26.56 8.84 -15.17
N CYS C 27 -27.32 9.83 -15.60
CA CYS C 27 -27.60 10.11 -16.96
C CYS C 27 -26.53 11.05 -17.48
N TRP C 28 -25.90 10.65 -18.57
CA TRP C 28 -24.96 11.49 -19.30
C TRP C 28 -25.81 12.07 -20.37
N ASP C 29 -25.98 13.40 -20.32
CA ASP C 29 -26.83 14.11 -21.21
C ASP C 29 -25.94 14.69 -22.27
N ILE C 30 -26.07 14.18 -23.48
CA ILE C 30 -25.18 14.52 -24.57
C ILE C 30 -25.98 15.41 -25.53
N SER C 31 -25.44 16.61 -25.80
CA SER C 31 -26.02 17.47 -26.80
C SER C 31 -24.88 18.03 -27.61
N SER C 32 -25.21 18.90 -28.57
CA SER C 32 -24.19 19.51 -29.39
C SER C 32 -23.30 20.50 -28.68
N SER C 33 -23.69 20.98 -27.50
CA SER C 33 -22.88 21.89 -26.70
C SER C 33 -21.86 21.12 -25.85
N GLY C 34 -22.14 19.84 -25.63
CA GLY C 34 -21.26 18.95 -24.91
C GLY C 34 -21.95 17.91 -24.05
N VAL C 35 -21.20 17.48 -23.04
CA VAL C 35 -21.67 16.55 -22.02
C VAL C 35 -21.92 17.21 -20.66
N ASN C 36 -23.13 17.00 -20.12
CA ASN C 36 -23.57 17.45 -18.80
C ASN C 36 -23.97 16.20 -17.99
N LEU C 37 -23.63 16.18 -16.71
CA LEU C 37 -24.17 15.14 -15.84
C LEU C 37 -24.54 15.85 -14.52
N GLN C 38 -25.73 15.55 -14.02
CA GLN C 38 -26.20 16.08 -12.77
C GLN C 38 -26.84 14.96 -11.95
N SER C 39 -26.43 14.83 -10.70
CA SER C 39 -27.00 13.77 -9.86
C SER C 39 -26.78 14.07 -8.36
N MET C 40 -27.83 13.96 -7.59
CA MET C 40 -27.71 13.89 -6.15
C MET C 40 -27.14 12.54 -5.72
N ASP C 41 -26.44 12.55 -4.58
CA ASP C 41 -26.06 11.28 -3.97
C ASP C 41 -27.31 10.67 -3.33
N SER C 42 -27.19 9.41 -2.97
CA SER C 42 -28.36 8.63 -2.52
C SER C 42 -28.94 9.11 -1.20
N SER C 43 -28.12 9.77 -0.39
CA SER C 43 -28.59 10.44 0.85
C SER C 43 -29.30 11.76 0.60
N HIS C 44 -29.13 12.33 -0.60
CA HIS C 44 -29.74 13.62 -1.00
C HIS C 44 -29.12 14.85 -0.30
N VAL C 45 -27.96 14.65 0.34
CA VAL C 45 -27.26 15.73 1.04
C VAL C 45 -26.35 16.53 0.10
N SER C 46 -25.97 15.92 -1.01
CA SER C 46 -25.12 16.58 -1.92
C SER C 46 -25.53 16.27 -3.37
N LEU C 47 -24.89 17.00 -4.29
CA LEU C 47 -25.20 17.01 -5.71
C LEU C 47 -23.88 17.22 -6.43
N VAL C 48 -23.67 16.49 -7.53
CA VAL C 48 -22.57 16.76 -8.43
C VAL C 48 -23.05 17.19 -9.80
N GLN C 49 -22.27 18.08 -10.41
CA GLN C 49 -22.55 18.59 -11.72
C GLN C 49 -21.25 18.69 -12.56
N LEU C 50 -21.27 17.97 -13.68
CA LEU C 50 -20.18 17.83 -14.61
C LEU C 50 -20.53 18.52 -15.91
N THR C 51 -19.62 19.37 -16.40
CA THR C 51 -19.78 20.04 -17.70
C THR C 51 -18.52 19.72 -18.46
N LEU C 52 -18.63 19.12 -19.66
CA LEU C 52 -17.48 18.98 -20.60
C LEU C 52 -17.96 19.54 -21.89
N ARG C 53 -17.42 20.69 -22.28
CA ARG C 53 -17.81 21.38 -23.53
C ARG C 53 -17.33 20.72 -24.82
N SER C 54 -18.10 20.85 -25.90
CA SER C 54 -17.76 20.15 -27.14
C SER C 54 -16.40 20.57 -27.71
N GLU C 55 -16.12 21.88 -27.61
CA GLU C 55 -14.86 22.43 -28.08
C GLU C 55 -13.63 21.96 -27.26
N GLY C 56 -13.85 21.31 -26.12
CA GLY C 56 -12.80 20.63 -25.39
C GLY C 56 -12.35 19.32 -26.02
N PHE C 57 -13.23 18.72 -26.81
CA PHE C 57 -12.91 17.50 -27.50
C PHE C 57 -12.23 17.79 -28.83
N ASP C 58 -11.31 16.92 -29.21
CA ASP C 58 -10.65 17.08 -30.50
C ASP C 58 -11.55 16.85 -31.71
N THR C 59 -12.38 15.81 -31.71
CA THR C 59 -13.54 15.75 -32.62
C THR C 59 -14.79 15.57 -31.77
N TYR C 60 -15.89 16.17 -32.21
CA TYR C 60 -17.14 16.05 -31.50
C TYR C 60 -18.31 16.04 -32.47
N ARG C 61 -19.09 14.97 -32.45
CA ARG C 61 -20.35 14.93 -33.21
C ARG C 61 -21.53 14.51 -32.34
N CYS C 62 -22.65 15.19 -32.47
CA CYS C 62 -23.88 14.80 -31.83
C CYS C 62 -25.06 15.30 -32.67
N ASP C 63 -25.66 14.37 -33.41
CA ASP C 63 -26.77 14.67 -34.29
C ASP C 63 -28.09 14.80 -33.53
N ARG C 64 -28.22 14.13 -32.40
CA ARG C 64 -29.46 14.21 -31.64
C ARG C 64 -29.15 14.19 -30.15
N ASN C 65 -29.84 14.99 -29.36
CA ASN C 65 -29.71 14.89 -27.92
C ASN C 65 -29.97 13.46 -27.45
N LEU C 66 -29.06 12.92 -26.60
CA LEU C 66 -29.26 11.60 -25.93
C LEU C 66 -29.13 11.75 -24.44
N ALA C 67 -29.86 10.89 -23.72
CA ALA C 67 -29.71 10.73 -22.28
C ALA C 67 -29.32 9.30 -21.99
N MET C 68 -28.05 9.05 -21.66
CA MET C 68 -27.52 7.69 -21.48
C MET C 68 -27.37 7.34 -20.01
N GLY C 69 -28.16 6.38 -19.54
CA GLY C 69 -28.07 5.90 -18.16
C GLY C 69 -26.86 4.99 -17.99
N VAL C 70 -26.01 5.34 -17.04
CA VAL C 70 -24.73 4.69 -16.88
C VAL C 70 -24.53 4.27 -15.44
N ASN C 71 -24.13 3.02 -15.25
CA ASN C 71 -23.61 2.54 -14.00
C ASN C 71 -22.16 2.98 -13.90
N LEU C 72 -21.87 3.84 -12.94
CA LEU C 72 -20.55 4.48 -12.91
C LEU C 72 -19.42 3.55 -12.44
N THR C 73 -19.79 2.55 -11.64
CA THR C 73 -18.89 1.52 -11.17
C THR C 73 -18.40 0.74 -12.37
N SER C 74 -19.32 0.35 -13.25
CA SER C 74 -18.97 -0.28 -14.53
C SER C 74 -18.18 0.62 -15.48
N MET C 75 -18.59 1.86 -15.67
CA MET C 75 -17.81 2.74 -16.49
C MET C 75 -16.40 2.92 -15.96
N SER C 76 -16.26 2.99 -14.63
CA SER C 76 -14.92 3.04 -13.95
C SER C 76 -14.08 1.84 -14.33
N LYS C 77 -14.65 0.66 -14.13
CA LYS C 77 -13.96 -0.53 -14.45
C LYS C 77 -13.45 -0.48 -15.89
N ILE C 78 -14.29 -0.04 -16.83
CA ILE C 78 -13.81 0.05 -18.24
C ILE C 78 -12.67 1.05 -18.34
N LEU C 79 -12.82 2.21 -17.71
CA LEU C 79 -11.78 3.25 -17.83
C LEU C 79 -10.46 2.89 -17.17
N LYS C 80 -10.48 1.90 -16.30
CA LYS C 80 -9.29 1.35 -15.67
C LYS C 80 -8.45 0.66 -16.70
N CYS C 81 -9.08 0.14 -17.74
CA CYS C 81 -8.36 -0.52 -18.81
C CYS C 81 -7.79 0.45 -19.81
N ALA C 82 -7.71 1.72 -19.45
CA ALA C 82 -7.08 2.73 -20.29
C ALA C 82 -5.85 3.30 -19.59
N GLY C 83 -4.76 3.39 -20.34
CA GLY C 83 -3.56 4.02 -19.80
C GLY C 83 -3.71 5.53 -19.79
N ASN C 84 -2.83 6.20 -19.04
CA ASN C 84 -2.91 7.65 -18.86
C ASN C 84 -2.64 8.48 -20.12
N GLU C 85 -1.94 7.89 -21.07
CA GLU C 85 -1.58 8.57 -22.31
C GLU C 85 -2.54 8.27 -23.48
N ASP C 86 -3.53 7.40 -23.25
CA ASP C 86 -4.46 6.97 -24.30
C ASP C 86 -5.40 8.04 -24.82
N ILE C 87 -5.58 8.06 -26.15
CA ILE C 87 -6.69 8.75 -26.80
C ILE C 87 -7.95 7.86 -26.62
N ILE C 88 -9.03 8.49 -26.13
CA ILE C 88 -10.31 7.82 -25.89
C ILE C 88 -11.43 8.47 -26.75
N THR C 89 -12.19 7.60 -27.39
CA THR C 89 -13.27 7.96 -28.22
C THR C 89 -14.49 7.29 -27.58
N LEU C 90 -15.52 8.11 -27.34
CA LEU C 90 -16.85 7.66 -26.95
C LEU C 90 -17.69 7.63 -28.19
N ARG C 91 -18.46 6.55 -28.34
CA ARG C 91 -19.35 6.41 -29.45
C ARG C 91 -20.70 5.76 -29.06
N ALA C 92 -21.79 6.35 -29.55
CA ALA C 92 -23.13 5.84 -29.33
C ALA C 92 -24.10 6.31 -30.41
N GLU C 93 -24.87 5.36 -30.95
CA GLU C 93 -26.06 5.65 -31.77
C GLU C 93 -27.10 6.55 -31.08
N ASP C 94 -28.03 7.08 -31.85
CA ASP C 94 -29.10 7.91 -31.28
C ASP C 94 -30.12 7.16 -30.45
N ASN C 95 -30.20 5.85 -30.56
CA ASN C 95 -31.19 5.05 -29.82
C ASN C 95 -30.45 3.99 -29.05
N ALA C 96 -29.55 4.48 -28.18
CA ALA C 96 -28.39 3.69 -27.75
C ALA C 96 -28.78 2.67 -26.69
N ASP C 97 -28.40 1.41 -26.91
CA ASP C 97 -28.46 0.40 -25.83
C ASP C 97 -27.07 0.25 -25.14
N THR C 98 -26.03 0.68 -25.85
CA THR C 98 -24.67 0.55 -25.36
C THR C 98 -23.79 1.76 -25.65
N LEU C 99 -22.77 1.93 -24.83
CA LEU C 99 -21.73 2.91 -25.11
C LEU C 99 -20.43 2.19 -25.57
N ALA C 100 -19.96 2.50 -26.76
CA ALA C 100 -18.61 2.07 -27.17
C ALA C 100 -17.54 3.05 -26.65
N LEU C 101 -16.44 2.49 -26.14
CA LEU C 101 -15.28 3.28 -25.72
C LEU C 101 -14.09 2.63 -26.36
N VAL C 102 -13.27 3.43 -27.03
CA VAL C 102 -12.13 2.98 -27.75
C VAL C 102 -10.90 3.69 -27.22
N PHE C 103 -9.91 2.89 -26.81
CA PHE C 103 -8.67 3.40 -26.30
C PHE C 103 -7.55 3.14 -27.31
N GLU C 104 -6.93 4.21 -27.79
CA GLU C 104 -5.76 4.11 -28.64
C GLU C 104 -4.48 4.46 -27.84
N ALA C 105 -3.65 3.44 -27.59
CA ALA C 105 -2.28 3.61 -26.98
C ALA C 105 -1.37 4.58 -27.75
N PRO C 106 -0.43 5.24 -27.02
CA PRO C 106 0.44 6.26 -27.64
C PRO C 106 1.54 5.63 -28.54
N ASN C 107 2.46 4.86 -27.90
CA ASN C 107 3.46 4.02 -28.61
C ASN C 107 2.81 3.24 -29.78
N GLN C 108 1.50 3.07 -29.70
CA GLN C 108 0.68 2.62 -30.82
C GLN C 108 0.72 1.10 -30.87
N GLU C 109 0.15 0.52 -31.93
CA GLU C 109 0.10 -0.93 -32.07
C GLU C 109 -0.79 -1.64 -31.03
N LYS C 110 -1.59 -0.87 -30.29
CA LYS C 110 -2.52 -1.40 -29.29
C LYS C 110 -3.85 -0.62 -29.35
N VAL C 111 -4.95 -1.30 -29.67
CA VAL C 111 -6.27 -0.68 -29.67
C VAL C 111 -7.19 -1.59 -28.91
N SER C 112 -7.92 -1.00 -27.95
CA SER C 112 -8.90 -1.70 -27.13
C SER C 112 -10.27 -1.09 -27.45
N ASP C 113 -11.31 -1.92 -27.59
CA ASP C 113 -12.69 -1.40 -27.60
C ASP C 113 -13.52 -2.14 -26.58
N TYR C 114 -14.30 -1.36 -25.88
CA TYR C 114 -15.16 -1.81 -24.82
C TYR C 114 -16.58 -1.35 -25.13
N GLU C 115 -17.52 -2.20 -24.79
CA GLU C 115 -18.88 -1.97 -25.04
C GLU C 115 -19.59 -2.17 -23.73
N MET C 116 -20.13 -1.07 -23.23
CA MET C 116 -20.76 -1.02 -21.94
C MET C 116 -22.24 -0.96 -22.12
N LYS C 117 -22.95 -1.89 -21.49
CA LYS C 117 -24.40 -1.83 -21.36
C LYS C 117 -24.87 -0.58 -20.60
N LEU C 118 -25.82 0.12 -21.22
CA LEU C 118 -26.48 1.28 -20.61
C LEU C 118 -27.65 0.80 -19.75
N MET C 119 -28.17 1.69 -18.92
CA MET C 119 -29.37 1.36 -18.14
C MET C 119 -30.43 2.44 -18.28
N ASP C 120 -31.65 2.06 -17.94
CA ASP C 120 -32.77 3.01 -17.83
C ASP C 120 -32.79 3.70 -16.47
N LEU C 121 -32.71 5.02 -16.52
CA LEU C 121 -32.88 5.82 -15.34
C LEU C 121 -34.02 6.76 -15.67
N ASP C 122 -34.91 6.95 -14.70
CA ASP C 122 -35.92 7.97 -14.82
C ASP C 122 -35.63 8.88 -13.66
N VAL C 123 -34.84 9.90 -13.94
CA VAL C 123 -34.49 10.89 -12.91
C VAL C 123 -35.14 12.25 -13.25
N GLU C 124 -35.34 13.06 -12.22
CA GLU C 124 -36.00 14.36 -12.35
C GLU C 124 -35.01 15.51 -12.16
N GLN C 125 -34.39 15.98 -13.23
CA GLN C 125 -33.35 17.02 -13.08
C GLN C 125 -33.96 18.39 -12.75
N LEU C 126 -34.02 18.72 -11.46
CA LEU C 126 -34.43 20.06 -11.08
C LEU C 126 -33.26 21.00 -11.29
N GLY C 127 -33.55 22.29 -11.28
CA GLY C 127 -32.58 23.31 -11.57
C GLY C 127 -31.72 23.71 -10.38
N ILE C 128 -30.47 24.00 -10.71
CA ILE C 128 -29.56 24.64 -9.82
C ILE C 128 -29.77 26.13 -10.08
N PRO C 129 -30.17 26.89 -9.04
CA PRO C 129 -30.30 28.35 -9.24
C PRO C 129 -28.94 29.01 -9.19
N GLU C 130 -28.62 29.82 -10.18
CA GLU C 130 -27.40 30.62 -10.17
C GLU C 130 -27.48 31.66 -9.03
N GLN C 131 -26.66 31.49 -7.99
CA GLN C 131 -26.71 32.30 -6.74
C GLN C 131 -25.61 33.37 -6.73
N GLU C 132 -25.61 34.13 -5.65
CA GLU C 132 -24.58 35.12 -5.34
C GLU C 132 -23.98 34.64 -4.03
N TYR C 133 -22.68 34.85 -3.87
CA TYR C 133 -21.94 34.33 -2.72
C TYR C 133 -21.34 35.42 -1.85
N SER C 134 -21.59 35.36 -0.55
CA SER C 134 -20.86 36.17 0.38
C SER C 134 -19.33 35.99 0.30
N CYS C 135 -18.81 34.78 0.16
CA CYS C 135 -17.35 34.56 0.15
C CYS C 135 -16.97 33.51 -0.85
N VAL C 136 -16.00 33.84 -1.68
CA VAL C 136 -15.43 32.89 -2.59
C VAL C 136 -13.93 32.76 -2.28
N VAL C 137 -13.52 31.54 -1.91
CA VAL C 137 -12.15 31.24 -1.58
C VAL C 137 -11.53 30.40 -2.67
N LYS C 138 -10.47 30.92 -3.24
CA LYS C 138 -9.71 30.15 -4.19
C LYS C 138 -8.40 29.65 -3.54
N MET C 139 -8.16 28.34 -3.57
CA MET C 139 -6.97 27.80 -2.88
C MET C 139 -6.37 26.61 -3.60
N PRO C 140 -5.17 26.16 -3.17
CA PRO C 140 -4.69 24.90 -3.68
C PRO C 140 -5.52 23.68 -3.28
N SER C 141 -5.74 22.79 -4.25
CA SER C 141 -6.64 21.68 -4.07
C SER C 141 -6.04 20.62 -3.19
N GLY C 142 -4.72 20.44 -3.31
CA GLY C 142 -3.96 19.55 -2.40
C GLY C 142 -4.16 19.96 -0.95
N GLU C 143 -4.00 21.24 -0.66
CA GLU C 143 -4.15 21.81 0.69
C GLU C 143 -5.58 21.65 1.25
N PHE C 144 -6.61 21.91 0.45
CA PHE C 144 -7.97 21.62 0.87
C PHE C 144 -8.20 20.12 1.18
N ALA C 145 -7.74 19.24 0.32
CA ALA C 145 -7.90 17.80 0.56
C ALA C 145 -7.24 17.39 1.88
N ARG C 146 -6.04 17.90 2.13
CA ARG C 146 -5.31 17.57 3.39
C ARG C 146 -6.10 18.06 4.62
N ILE C 147 -6.69 19.25 4.51
CA ILE C 147 -7.43 19.83 5.62
C ILE C 147 -8.67 19.01 5.92
N CYS C 148 -9.43 18.67 4.90
CA CYS C 148 -10.63 17.87 5.11
C CYS C 148 -10.32 16.53 5.70
N ARG C 149 -9.19 15.96 5.28
CA ARG C 149 -8.74 14.69 5.82
C ARG C 149 -8.31 14.73 7.28
N ASP C 150 -7.36 15.60 7.57
CA ASP C 150 -6.90 15.82 8.94
C ASP C 150 -8.04 16.11 9.93
N LEU C 151 -8.85 17.12 9.63
CA LEU C 151 -9.97 17.45 10.49
C LEU C 151 -10.98 16.36 10.67
N SER C 152 -11.26 15.55 9.65
CA SER C 152 -12.13 14.36 9.78
C SER C 152 -11.65 13.32 10.84
N HIS C 153 -10.37 13.38 11.22
CA HIS C 153 -9.89 12.59 12.31
C HIS C 153 -10.20 13.22 13.72
N ILE C 154 -10.71 14.45 13.74
CA ILE C 154 -11.03 15.08 15.01
C ILE C 154 -12.52 15.08 15.25
N GLY C 155 -13.29 15.32 14.21
CA GLY C 155 -14.74 15.28 14.31
C GLY C 155 -15.41 15.19 12.95
N ASP C 156 -16.74 15.23 13.02
CA ASP C 156 -17.69 15.00 11.94
C ASP C 156 -17.86 16.16 10.96
N ALA C 157 -17.71 17.36 11.50
CA ALA C 157 -18.16 18.55 10.83
C ALA C 157 -17.06 19.60 10.84
N VAL C 158 -16.93 20.31 9.74
CA VAL C 158 -16.07 21.46 9.66
C VAL C 158 -16.91 22.73 9.70
N VAL C 159 -16.47 23.68 10.54
CA VAL C 159 -17.01 25.02 10.57
C VAL C 159 -16.07 25.88 9.74
N ILE C 160 -16.56 26.36 8.60
CA ILE C 160 -15.77 27.16 7.69
C ILE C 160 -16.17 28.62 7.90
N SER C 161 -15.20 29.44 8.29
CA SER C 161 -15.50 30.83 8.52
C SER C 161 -14.45 31.69 7.84
N CYS C 162 -14.96 32.78 7.24
CA CYS C 162 -14.24 33.54 6.27
C CYS C 162 -14.38 35.00 6.58
N ALA C 163 -13.33 35.75 6.28
CA ALA C 163 -13.29 37.20 6.45
C ALA C 163 -12.20 37.81 5.55
N LYS C 164 -12.07 39.13 5.58
CA LYS C 164 -11.24 39.86 4.60
C LYS C 164 -9.89 39.14 4.31
N ASP C 165 -9.06 39.03 5.35
CA ASP C 165 -7.70 38.56 5.22
C ASP C 165 -7.52 37.02 5.12
N GLY C 166 -8.46 36.24 5.68
CA GLY C 166 -8.30 34.79 5.70
C GLY C 166 -9.50 33.90 6.04
N VAL C 167 -9.31 32.62 5.76
CA VAL C 167 -10.34 31.62 6.00
C VAL C 167 -9.87 30.64 7.08
N LYS C 168 -10.81 30.20 7.90
CA LYS C 168 -10.55 29.27 9.00
C LYS C 168 -11.38 27.98 8.87
N PHE C 169 -10.74 26.84 9.10
CA PHE C 169 -11.45 25.56 9.18
C PHE C 169 -11.30 24.91 10.58
N SER C 170 -12.43 24.66 11.21
CA SER C 170 -12.51 24.13 12.56
C SER C 170 -13.39 22.85 12.68
N ALA C 171 -13.01 22.00 13.62
CA ALA C 171 -13.76 20.82 13.98
C ALA C 171 -13.65 20.58 15.45
N SER C 172 -14.53 19.74 15.96
CA SER C 172 -14.41 19.30 17.34
C SER C 172 -15.07 17.93 17.55
N GLY C 173 -14.55 17.18 18.50
CA GLY C 173 -15.01 15.83 18.84
C GLY C 173 -14.69 15.48 20.28
N GLU C 174 -14.79 14.19 20.60
CA GLU C 174 -14.57 13.72 21.97
C GLU C 174 -13.16 14.12 22.49
N LEU C 175 -12.17 14.07 21.59
CA LEU C 175 -10.75 14.16 21.97
C LEU C 175 -10.30 15.60 22.20
N GLY C 176 -11.00 16.53 21.57
CA GLY C 176 -10.70 17.93 21.65
C GLY C 176 -11.15 18.67 20.41
N ASN C 177 -10.46 19.76 20.09
CA ASN C 177 -10.78 20.53 18.89
C ASN C 177 -9.52 21.05 18.14
N GLY C 178 -9.72 21.53 16.93
CA GLY C 178 -8.63 22.09 16.10
C GLY C 178 -9.14 23.21 15.19
N ASN C 179 -8.28 24.16 14.86
CA ASN C 179 -8.54 25.24 13.90
C ASN C 179 -7.39 25.31 12.91
N ILE C 180 -7.68 25.47 11.62
CA ILE C 180 -6.63 25.74 10.67
C ILE C 180 -6.93 27.09 10.05
N LYS C 181 -5.95 27.99 10.16
CA LYS C 181 -6.07 29.36 9.65
C LYS C 181 -5.16 29.52 8.44
N LEU C 182 -5.76 29.94 7.33
CA LEU C 182 -5.00 30.18 6.10
C LEU C 182 -5.12 31.64 5.79
N SER C 183 -4.00 32.34 5.59
CA SER C 183 -4.08 33.73 5.15
C SER C 183 -3.99 33.90 3.63
N GLN C 184 -4.52 35.02 3.17
CA GLN C 184 -4.64 35.29 1.76
C GLN C 184 -3.33 35.42 0.98
N THR C 185 -2.24 35.83 1.62
CA THR C 185 -1.00 36.03 0.83
C THR C 185 -0.58 34.74 0.10
N ALA C 194 -1.14 29.76 -2.82
CA ALA C 194 -1.88 30.89 -3.38
C ALA C 194 -3.33 30.95 -2.87
N VAL C 195 -3.59 31.70 -1.81
CA VAL C 195 -4.94 31.78 -1.28
C VAL C 195 -5.54 33.12 -1.62
N THR C 196 -6.77 33.11 -2.15
CA THR C 196 -7.42 34.30 -2.66
C THR C 196 -8.87 34.33 -2.16
N ILE C 197 -9.24 35.43 -1.52
CA ILE C 197 -10.57 35.60 -0.96
C ILE C 197 -11.20 36.87 -1.51
N GLU C 198 -12.37 36.73 -2.13
CA GLU C 198 -13.21 37.85 -2.49
C GLU C 198 -14.43 37.71 -1.64
N MET C 199 -14.58 38.56 -0.64
CA MET C 199 -15.68 38.41 0.27
C MET C 199 -16.46 39.69 0.44
N ASN C 200 -17.77 39.63 0.19
CA ASN C 200 -18.57 40.81 0.49
C ASN C 200 -19.12 40.82 1.90
N GLU C 201 -19.49 39.67 2.45
CA GLU C 201 -19.84 39.59 3.88
C GLU C 201 -19.19 38.36 4.49
N PRO C 202 -18.80 38.44 5.77
CA PRO C 202 -18.26 37.35 6.57
C PRO C 202 -19.24 36.19 6.69
N VAL C 203 -18.71 34.98 6.80
CA VAL C 203 -19.54 33.81 6.82
C VAL C 203 -18.99 32.85 7.89
N GLN C 204 -19.89 32.07 8.47
CA GLN C 204 -19.53 31.03 9.42
C GLN C 204 -20.48 29.88 9.24
N LEU C 205 -20.06 28.86 8.49
CA LEU C 205 -20.92 27.77 8.07
C LEU C 205 -20.39 26.38 8.42
N THR C 206 -21.28 25.46 8.73
CA THR C 206 -20.97 24.08 9.10
C THR C 206 -21.44 23.07 8.03
N PHE C 207 -20.55 22.13 7.74
CA PHE C 207 -20.69 21.13 6.70
C PHE C 207 -20.07 19.79 7.19
N ALA C 208 -20.57 18.68 6.63
CA ALA C 208 -20.16 17.29 6.92
C ALA C 208 -18.90 16.93 6.19
N LEU C 209 -17.83 16.60 6.95
CA LEU C 209 -16.56 16.15 6.38
C LEU C 209 -16.62 14.87 5.57
N ARG C 210 -17.59 14.01 5.86
CA ARG C 210 -17.69 12.76 5.16
C ARG C 210 -17.94 13.07 3.68
N TYR C 211 -18.84 14.00 3.36
CA TYR C 211 -19.08 14.33 1.94
C TYR C 211 -17.92 15.11 1.32
N LEU C 212 -17.33 16.05 2.06
CA LEU C 212 -16.20 16.77 1.51
C LEU C 212 -15.05 15.87 1.10
N ASN C 213 -14.81 14.80 1.88
CA ASN C 213 -13.75 13.86 1.52
C ASN C 213 -14.09 12.99 0.25
N PHE C 214 -15.38 12.89 -0.15
CA PHE C 214 -15.69 12.32 -1.47
C PHE C 214 -15.37 13.37 -2.53
N PHE C 215 -15.62 14.65 -2.21
CA PHE C 215 -15.44 15.69 -3.19
C PHE C 215 -14.00 15.77 -3.61
N THR C 216 -13.09 15.67 -2.66
CA THR C 216 -11.63 15.79 -2.92
C THR C 216 -11.01 14.68 -3.76
N LYS C 217 -11.79 13.65 -4.05
CA LYS C 217 -11.38 12.66 -5.05
C LYS C 217 -11.17 13.28 -6.43
N ALA C 218 -11.53 14.57 -6.60
CA ALA C 218 -11.45 15.26 -7.88
C ALA C 218 -10.19 16.07 -7.99
N THR C 219 -9.44 16.08 -6.90
CA THR C 219 -8.21 16.83 -6.78
C THR C 219 -7.25 16.59 -7.95
N PRO C 220 -7.15 15.34 -8.45
CA PRO C 220 -6.25 15.18 -9.66
C PRO C 220 -6.58 16.08 -10.87
N LEU C 221 -7.87 16.43 -11.03
CA LEU C 221 -8.32 17.30 -12.11
C LEU C 221 -7.73 18.73 -12.10
N SER C 222 -7.37 19.27 -10.94
CA SER C 222 -6.91 20.65 -10.87
C SER C 222 -6.06 20.89 -9.62
N SER C 223 -5.08 21.78 -9.75
CA SER C 223 -4.20 22.07 -8.64
C SER C 223 -4.80 23.21 -7.80
N THR C 224 -5.95 23.73 -8.24
CA THR C 224 -6.71 24.63 -7.44
C THR C 224 -8.20 24.25 -7.34
N VAL C 225 -8.86 24.77 -6.31
CA VAL C 225 -10.26 24.48 -5.98
C VAL C 225 -10.85 25.79 -5.50
N THR C 226 -12.12 26.05 -5.83
CA THR C 226 -12.80 27.18 -5.30
C THR C 226 -14.03 26.80 -4.48
N LEU C 227 -14.13 27.45 -3.34
CA LEU C 227 -15.19 27.27 -2.39
C LEU C 227 -16.08 28.49 -2.42
N SER C 228 -17.33 28.33 -2.82
CA SER C 228 -18.28 29.47 -2.82
C SER C 228 -19.37 29.24 -1.76
N MET C 229 -19.55 30.26 -0.91
CA MET C 229 -20.28 30.19 0.35
C MET C 229 -21.19 31.41 0.69
N SER C 230 -22.40 31.12 1.11
CA SER C 230 -23.27 32.06 1.83
C SER C 230 -24.14 31.31 2.81
N ALA C 231 -24.60 32.02 3.83
CA ALA C 231 -25.70 31.56 4.74
C ALA C 231 -26.88 31.16 3.90
N ASP C 232 -27.55 30.07 4.24
CA ASP C 232 -28.83 29.76 3.57
C ASP C 232 -28.73 29.25 2.13
N VAL C 233 -27.52 28.96 1.66
CA VAL C 233 -27.31 28.32 0.33
C VAL C 233 -26.31 27.18 0.44
N PRO C 234 -26.40 26.16 -0.43
CA PRO C 234 -25.35 25.13 -0.40
C PRO C 234 -23.91 25.64 -0.72
N LEU C 235 -22.91 24.95 -0.19
CA LEU C 235 -21.54 25.15 -0.49
C LEU C 235 -21.26 24.59 -1.90
N VAL C 236 -20.47 25.29 -2.72
CA VAL C 236 -20.03 24.76 -4.01
C VAL C 236 -18.54 24.58 -3.89
N VAL C 237 -18.10 23.35 -4.17
CA VAL C 237 -16.69 22.97 -4.36
C VAL C 237 -16.48 22.71 -5.89
N GLU C 238 -15.69 23.59 -6.52
CA GLU C 238 -15.50 23.56 -7.92
C GLU C 238 -14.06 23.28 -8.33
N TYR C 239 -13.92 22.30 -9.21
CA TYR C 239 -12.70 21.98 -9.87
C TYR C 239 -12.83 22.22 -11.39
N LYS C 240 -12.12 23.20 -11.93
CA LYS C 240 -12.04 23.38 -13.40
C LYS C 240 -11.35 22.21 -14.06
N ILE C 241 -11.81 21.86 -15.24
CA ILE C 241 -11.17 20.83 -16.01
C ILE C 241 -10.56 21.52 -17.21
N ALA C 242 -9.24 21.60 -17.21
CA ALA C 242 -8.44 22.00 -18.35
C ALA C 242 -8.95 23.27 -18.90
N ASP C 243 -9.11 23.27 -20.21
CA ASP C 243 -9.87 24.26 -20.93
C ASP C 243 -11.08 23.52 -21.54
N MET C 244 -12.06 23.19 -20.70
CA MET C 244 -13.22 22.45 -21.25
C MET C 244 -14.42 22.24 -20.35
N GLY C 245 -14.30 22.55 -19.05
CA GLY C 245 -15.45 22.58 -18.19
C GLY C 245 -15.07 22.44 -16.75
N HIS C 246 -15.87 21.68 -15.99
CA HIS C 246 -15.72 21.66 -14.54
C HIS C 246 -16.51 20.51 -13.94
N LEU C 247 -16.14 20.14 -12.72
CA LEU C 247 -16.97 19.41 -11.81
C LEU C 247 -17.33 20.28 -10.62
N LYS C 248 -18.63 20.47 -10.39
CA LYS C 248 -19.10 21.18 -9.23
C LYS C 248 -19.81 20.22 -8.27
N TYR C 249 -19.45 20.29 -6.98
CA TYR C 249 -20.13 19.58 -5.91
C TYR C 249 -20.92 20.54 -5.02
N TYR C 250 -22.14 20.18 -4.67
CA TYR C 250 -22.97 21.04 -3.85
C TYR C 250 -23.29 20.29 -2.56
N LEU C 251 -23.20 20.98 -1.44
CA LEU C 251 -23.36 20.36 -0.15
C LEU C 251 -24.27 21.22 0.70
N ALA C 252 -25.43 20.64 1.05
CA ALA C 252 -26.35 21.17 2.05
C ALA C 252 -25.59 21.46 3.37
N PRO C 253 -26.02 22.49 4.15
CA PRO C 253 -25.56 22.76 5.48
C PRO C 253 -25.77 21.58 6.41
N LYS C 254 -24.76 21.31 7.25
CA LYS C 254 -24.90 20.24 8.21
C LYS C 254 -25.84 20.73 9.32
N ILE C 255 -26.96 20.00 9.47
CA ILE C 255 -27.98 20.36 10.41
C ILE C 255 -28.00 19.34 11.51
N LYS D 6 -34.82 18.83 6.84
CA LYS D 6 -35.36 19.39 5.57
C LYS D 6 -34.33 20.32 4.91
N LYS D 7 -33.75 21.23 5.68
CA LYS D 7 -32.67 22.09 5.24
C LYS D 7 -31.31 21.41 5.10
N GLY D 8 -31.16 20.19 5.61
CA GLY D 8 -29.93 19.44 5.46
C GLY D 8 -29.93 18.56 4.22
N LEU D 9 -30.94 18.77 3.36
CA LEU D 9 -31.13 18.04 2.09
C LEU D 9 -31.06 18.99 0.90
N ILE D 10 -30.43 18.55 -0.19
CA ILE D 10 -30.25 19.40 -1.40
C ILE D 10 -31.58 19.78 -2.10
N ASP D 11 -32.57 18.91 -2.03
CA ASP D 11 -33.97 19.16 -2.42
C ASP D 11 -34.56 20.54 -2.02
N TYR D 12 -34.31 20.89 -0.78
CA TYR D 12 -34.70 22.15 -0.22
C TYR D 12 -34.21 23.37 -1.03
N TYR D 13 -33.06 23.25 -1.68
CA TYR D 13 -32.41 24.36 -2.37
C TYR D 13 -32.61 24.34 -3.88
N LEU D 14 -33.27 23.32 -4.42
CA LEU D 14 -33.41 23.16 -5.87
C LEU D 14 -34.63 23.84 -6.48
N MET D 15 -34.64 23.80 -7.80
CA MET D 15 -35.63 24.35 -8.71
C MET D 15 -35.32 25.83 -8.89
N MET E 1 25.75 -35.95 -1.46
CA MET E 1 25.33 -34.61 -1.01
C MET E 1 24.83 -33.79 -2.20
N PHE E 2 23.92 -32.85 -1.93
CA PHE E 2 23.49 -31.78 -2.86
C PHE E 2 24.00 -30.39 -2.36
N GLU E 3 24.66 -29.66 -3.23
CA GLU E 3 25.05 -28.28 -2.96
C GLU E 3 24.97 -27.44 -4.22
N ALA E 4 24.22 -26.35 -4.19
CA ALA E 4 24.03 -25.43 -5.33
C ALA E 4 24.19 -23.96 -4.86
N ARG E 5 25.06 -23.23 -5.54
CA ARG E 5 25.38 -21.87 -5.24
C ARG E 5 24.93 -21.03 -6.38
N LEU E 6 24.00 -20.13 -6.06
CA LEU E 6 23.47 -19.16 -6.99
C LEU E 6 23.76 -17.75 -6.52
N VAL E 7 24.76 -17.09 -7.12
CA VAL E 7 25.09 -15.67 -6.84
C VAL E 7 23.90 -14.70 -7.05
N GLN E 8 23.18 -14.87 -8.14
CA GLN E 8 21.96 -14.13 -8.34
C GLN E 8 20.84 -14.79 -7.60
N GLY E 9 20.93 -14.77 -6.27
CA GLY E 9 19.94 -15.37 -5.41
C GLY E 9 18.54 -14.90 -5.64
N SER E 10 18.40 -13.64 -6.09
CA SER E 10 17.09 -13.09 -6.47
C SER E 10 16.25 -13.96 -7.43
N ILE E 11 16.90 -14.72 -8.32
CA ILE E 11 16.14 -15.64 -9.22
C ILE E 11 15.22 -16.56 -8.40
N LEU E 12 15.79 -17.15 -7.37
CA LEU E 12 15.06 -18.04 -6.45
C LEU E 12 13.87 -17.40 -5.71
N LYS E 13 14.07 -16.18 -5.21
CA LYS E 13 13.04 -15.37 -4.57
C LYS E 13 11.85 -15.15 -5.53
N LYS E 14 12.15 -14.81 -6.77
CA LYS E 14 11.12 -14.58 -7.80
C LYS E 14 10.41 -15.89 -8.19
N VAL E 15 11.16 -16.97 -8.21
CA VAL E 15 10.53 -18.26 -8.53
C VAL E 15 9.58 -18.65 -7.47
N LEU E 16 9.95 -18.49 -6.21
CA LEU E 16 8.98 -18.76 -5.15
C LEU E 16 7.74 -17.83 -5.16
N GLU E 17 7.98 -16.55 -5.39
CA GLU E 17 6.88 -15.61 -5.62
C GLU E 17 5.95 -16.07 -6.78
N ALA E 18 6.53 -16.65 -7.83
CA ALA E 18 5.80 -17.11 -9.03
C ALA E 18 5.04 -18.40 -8.86
N LEU E 19 5.23 -19.09 -7.72
CA LEU E 19 4.76 -20.44 -7.52
C LEU E 19 3.88 -20.61 -6.26
N LYS E 20 4.24 -19.96 -5.18
CA LYS E 20 3.68 -20.20 -3.87
C LYS E 20 2.17 -19.96 -3.69
N ASP E 21 1.59 -19.15 -4.56
CA ASP E 21 0.14 -18.86 -4.45
C ASP E 21 -0.69 -19.78 -5.34
N LEU E 22 0.00 -20.49 -6.23
CA LEU E 22 -0.63 -21.44 -7.15
C LEU E 22 -0.60 -22.89 -6.63
N ILE E 23 0.49 -23.26 -5.95
CA ILE E 23 0.59 -24.61 -5.39
C ILE E 23 1.21 -24.59 -3.99
N ASN E 24 0.66 -25.42 -3.11
CA ASN E 24 1.00 -25.45 -1.73
C ASN E 24 2.26 -26.30 -1.43
N GLU E 25 2.40 -27.39 -2.16
CA GLU E 25 3.56 -28.21 -1.98
C GLU E 25 3.93 -28.96 -3.23
N ALA E 26 5.20 -29.30 -3.40
CA ALA E 26 5.67 -29.88 -4.64
C ALA E 26 7.02 -30.55 -4.40
N CYS E 27 7.32 -31.51 -5.28
CA CYS E 27 8.63 -32.14 -5.30
C CYS E 27 9.56 -31.36 -6.17
N TRP E 28 10.67 -31.02 -5.57
CA TRP E 28 11.82 -30.53 -6.28
C TRP E 28 12.66 -31.74 -6.60
N ASP E 29 12.77 -32.09 -7.88
CA ASP E 29 13.62 -33.16 -8.33
C ASP E 29 14.99 -32.59 -8.63
N ILE E 30 15.94 -33.03 -7.82
CA ILE E 30 17.31 -32.63 -7.94
C ILE E 30 18.09 -33.79 -8.61
N SER E 31 18.86 -33.48 -9.64
CA SER E 31 19.80 -34.42 -10.23
C SER E 31 21.00 -33.64 -10.74
N SER E 32 21.90 -34.35 -11.42
CA SER E 32 23.07 -33.75 -12.10
C SER E 32 22.78 -32.78 -13.21
N SER E 33 21.61 -32.87 -13.82
CA SER E 33 21.10 -31.92 -14.80
C SER E 33 20.72 -30.59 -14.24
N GLY E 34 20.37 -30.56 -12.97
CA GLY E 34 19.81 -29.38 -12.39
C GLY E 34 18.57 -29.69 -11.57
N VAL E 35 17.78 -28.64 -11.38
CA VAL E 35 16.62 -28.60 -10.50
C VAL E 35 15.40 -28.54 -11.38
N ASN E 36 14.52 -29.54 -11.24
CA ASN E 36 13.26 -29.62 -11.96
C ASN E 36 12.06 -29.73 -11.00
N LEU E 37 11.01 -28.93 -11.20
CA LEU E 37 9.75 -29.08 -10.49
C LEU E 37 8.61 -29.22 -11.47
N GLN E 38 7.69 -30.12 -11.17
CA GLN E 38 6.55 -30.28 -12.02
C GLN E 38 5.35 -30.69 -11.21
N SER E 39 4.27 -29.91 -11.29
CA SER E 39 3.18 -30.00 -10.30
C SER E 39 1.91 -29.42 -10.88
N MET E 40 0.80 -30.09 -10.69
CA MET E 40 -0.49 -29.55 -11.03
C MET E 40 -0.93 -28.70 -9.89
N ASP E 41 -1.76 -27.70 -10.14
CA ASP E 41 -2.41 -27.01 -9.01
C ASP E 41 -3.43 -27.98 -8.48
N SER E 42 -3.94 -27.69 -7.28
CA SER E 42 -5.02 -28.49 -6.66
C SER E 42 -6.16 -28.91 -7.54
N SER E 43 -6.69 -27.97 -8.32
CA SER E 43 -7.84 -28.26 -9.14
C SER E 43 -7.53 -29.08 -10.37
N HIS E 44 -6.23 -29.32 -10.65
CA HIS E 44 -5.78 -30.04 -11.84
C HIS E 44 -6.10 -29.36 -13.15
N VAL E 45 -6.44 -28.07 -13.10
CA VAL E 45 -6.72 -27.38 -14.35
C VAL E 45 -5.43 -26.84 -15.00
N SER E 46 -4.44 -26.47 -14.17
CA SER E 46 -3.10 -26.10 -14.59
C SER E 46 -1.93 -26.94 -14.03
N LEU E 47 -0.80 -26.82 -14.73
CA LEU E 47 0.46 -27.45 -14.44
C LEU E 47 1.61 -26.42 -14.56
N VAL E 48 2.54 -26.48 -13.61
CA VAL E 48 3.70 -25.67 -13.64
C VAL E 48 4.91 -26.56 -13.85
N GLN E 49 5.91 -26.02 -14.54
CA GLN E 49 7.15 -26.74 -14.84
C GLN E 49 8.33 -25.75 -14.82
N LEU E 50 9.19 -25.98 -13.85
CA LEU E 50 10.35 -25.18 -13.60
C LEU E 50 11.58 -25.98 -14.01
N THR E 51 12.45 -25.36 -14.79
CA THR E 51 13.81 -25.86 -15.05
C THR E 51 14.87 -24.86 -14.58
N LEU E 52 15.83 -25.35 -13.76
CA LEU E 52 17.02 -24.58 -13.37
C LEU E 52 18.20 -25.49 -13.65
N ARG E 53 18.85 -25.32 -14.78
CA ARG E 53 19.92 -26.24 -15.20
C ARG E 53 21.15 -26.05 -14.30
N SER E 54 21.89 -27.12 -14.06
CA SER E 54 23.08 -27.01 -13.18
C SER E 54 24.08 -25.93 -13.61
N GLU E 55 24.23 -25.73 -14.92
CA GLU E 55 25.22 -24.80 -15.44
C GLU E 55 24.85 -23.32 -15.17
N GLY E 56 23.62 -23.02 -14.74
CA GLY E 56 23.25 -21.69 -14.29
C GLY E 56 23.69 -21.34 -12.88
N PHE E 57 24.06 -22.34 -12.12
CA PHE E 57 24.54 -22.15 -10.77
C PHE E 57 26.04 -21.96 -10.84
N ASP E 58 26.55 -21.15 -9.93
CA ASP E 58 27.96 -20.87 -9.91
C ASP E 58 28.74 -22.08 -9.44
N THR E 59 28.18 -22.87 -8.52
CA THR E 59 28.66 -24.21 -8.27
C THR E 59 27.47 -25.17 -8.11
N TYR E 60 27.66 -26.43 -8.47
CA TYR E 60 26.62 -27.41 -8.45
C TYR E 60 27.21 -28.80 -8.25
N ARG E 61 26.71 -29.50 -7.26
CA ARG E 61 27.04 -30.86 -6.98
C ARG E 61 25.77 -31.59 -6.62
N CYS E 62 25.52 -32.68 -7.30
CA CYS E 62 24.48 -33.65 -6.93
C CYS E 62 24.95 -35.13 -6.98
N ASP E 63 25.31 -35.70 -5.82
CA ASP E 63 25.86 -37.03 -5.83
C ASP E 63 24.80 -38.07 -6.13
N ARG E 64 23.55 -37.80 -5.82
CA ARG E 64 22.51 -38.79 -6.06
C ARG E 64 21.18 -38.12 -6.32
N ASN E 65 20.41 -38.64 -7.24
CA ASN E 65 19.07 -38.09 -7.45
C ASN E 65 18.22 -37.93 -6.19
N LEU E 66 17.38 -36.92 -6.17
CA LEU E 66 16.63 -36.67 -4.94
C LEU E 66 15.35 -35.92 -5.20
N ALA E 67 14.27 -36.39 -4.57
CA ALA E 67 12.96 -35.81 -4.67
C ALA E 67 12.70 -35.11 -3.36
N MET E 68 12.82 -33.80 -3.31
CA MET E 68 12.56 -33.07 -2.06
C MET E 68 11.10 -32.52 -1.99
N GLY E 69 10.29 -33.08 -1.10
CA GLY E 69 8.95 -32.63 -0.86
C GLY E 69 8.99 -31.36 -0.06
N VAL E 70 8.43 -30.30 -0.63
CA VAL E 70 8.56 -28.96 -0.09
C VAL E 70 7.17 -28.33 0.10
N ASN E 71 6.94 -27.71 1.26
CA ASN E 71 5.86 -26.73 1.49
C ASN E 71 6.31 -25.38 0.95
N LEU E 72 5.62 -24.89 -0.08
CA LEU E 72 6.06 -23.73 -0.82
C LEU E 72 5.90 -22.44 -0.03
N THR E 73 4.86 -22.37 0.81
CA THR E 73 4.70 -21.27 1.72
C THR E 73 5.87 -21.16 2.70
N SER E 74 6.28 -22.26 3.30
CA SER E 74 7.50 -22.26 4.14
C SER E 74 8.77 -21.87 3.42
N MET E 75 8.99 -22.41 2.24
CA MET E 75 10.16 -21.99 1.44
C MET E 75 10.14 -20.47 1.13
N SER E 76 8.95 -19.92 0.90
CA SER E 76 8.80 -18.51 0.54
C SER E 76 9.11 -17.58 1.72
N LYS E 77 8.61 -17.92 2.91
CA LYS E 77 8.97 -17.25 4.12
C LYS E 77 10.44 -17.28 4.30
N ILE E 78 11.09 -18.42 4.06
CA ILE E 78 12.57 -18.43 4.20
C ILE E 78 13.19 -17.52 3.18
N LEU E 79 12.73 -17.56 1.94
CA LEU E 79 13.35 -16.73 0.90
C LEU E 79 13.10 -15.19 1.03
N LYS E 80 12.00 -14.79 1.67
CA LYS E 80 11.78 -13.37 2.07
C LYS E 80 12.87 -12.81 2.99
N CYS E 81 13.58 -13.69 3.70
CA CYS E 81 14.67 -13.30 4.59
C CYS E 81 16.01 -13.11 3.84
N ALA E 82 15.96 -13.31 2.53
CA ALA E 82 17.12 -13.03 1.67
C ALA E 82 16.95 -11.68 1.04
N GLY E 83 17.99 -10.87 1.13
CA GLY E 83 18.03 -9.67 0.32
C GLY E 83 18.19 -9.97 -1.15
N ASN E 84 17.77 -9.01 -1.97
CA ASN E 84 17.78 -9.12 -3.41
C ASN E 84 19.16 -9.33 -3.99
N GLU E 85 20.22 -8.94 -3.28
CA GLU E 85 21.57 -9.09 -3.83
C GLU E 85 22.38 -10.19 -3.14
N ASP E 86 21.69 -11.00 -2.33
CA ASP E 86 22.32 -12.18 -1.68
C ASP E 86 22.69 -13.29 -2.62
N ILE E 87 23.81 -13.90 -2.29
CA ILE E 87 24.28 -15.16 -2.86
C ILE E 87 23.62 -16.23 -1.99
N ILE E 88 22.93 -17.16 -2.64
CA ILE E 88 22.08 -18.13 -1.96
C ILE E 88 22.62 -19.52 -2.24
N THR E 89 22.87 -20.27 -1.17
CA THR E 89 23.38 -21.63 -1.29
C THR E 89 22.35 -22.59 -0.77
N LEU E 90 21.99 -23.59 -1.61
CA LEU E 90 21.07 -24.68 -1.22
C LEU E 90 21.90 -25.93 -0.95
N ARG E 91 21.53 -26.67 0.07
CA ARG E 91 22.35 -27.82 0.48
C ARG E 91 21.53 -28.85 1.27
N ALA E 92 21.71 -30.12 0.93
CA ALA E 92 20.93 -31.26 1.42
C ALA E 92 21.80 -32.53 1.40
N GLU E 93 21.72 -33.26 2.51
CA GLU E 93 22.33 -34.57 2.63
C GLU E 93 21.59 -35.58 1.72
N ASP E 94 22.25 -36.71 1.44
CA ASP E 94 21.63 -37.78 0.67
C ASP E 94 20.43 -38.25 1.47
N ASN E 95 19.34 -38.45 0.77
CA ASN E 95 18.08 -38.85 1.41
C ASN E 95 17.67 -37.82 2.42
N ALA E 96 17.80 -36.54 2.06
CA ALA E 96 17.61 -35.45 3.02
C ALA E 96 16.25 -35.41 3.73
N ASP E 97 16.27 -35.11 5.03
CA ASP E 97 15.03 -34.76 5.81
C ASP E 97 14.78 -33.26 5.95
N THR E 98 15.81 -32.50 5.65
CA THR E 98 15.76 -31.04 5.68
C THR E 98 16.57 -30.48 4.49
N LEU E 99 16.32 -29.20 4.17
CA LEU E 99 17.12 -28.42 3.22
C LEU E 99 17.70 -27.19 3.91
N ALA E 100 19.00 -27.02 3.75
CA ALA E 100 19.68 -25.84 4.21
C ALA E 100 19.73 -24.79 3.10
N LEU E 101 19.35 -23.60 3.50
CA LEU E 101 19.51 -22.42 2.70
C LEU E 101 20.39 -21.42 3.49
N VAL E 102 21.53 -21.05 2.90
CA VAL E 102 22.46 -20.05 3.46
C VAL E 102 22.46 -18.81 2.57
N PHE E 103 22.31 -17.64 3.18
CA PHE E 103 22.28 -16.36 2.45
C PHE E 103 23.46 -15.51 2.84
N GLU E 104 24.35 -15.20 1.88
CA GLU E 104 25.51 -14.30 2.11
C GLU E 104 25.25 -12.94 1.50
N ALA E 105 25.31 -11.91 2.34
CA ALA E 105 25.16 -10.53 1.91
C ALA E 105 26.54 -10.17 1.38
N PRO E 106 26.62 -9.72 0.13
CA PRO E 106 27.94 -9.56 -0.50
C PRO E 106 28.66 -8.25 -0.13
N ASN E 107 27.88 -7.24 0.22
CA ASN E 107 28.45 -5.97 0.68
C ASN E 107 28.68 -6.14 2.18
N GLN E 108 27.56 -6.38 2.88
CA GLN E 108 27.55 -6.55 4.34
C GLN E 108 28.31 -7.81 4.81
N GLU E 109 28.61 -7.82 6.12
CA GLU E 109 29.22 -8.96 6.83
C GLU E 109 28.12 -9.65 7.67
N LYS E 110 27.27 -10.40 6.98
CA LYS E 110 26.04 -10.94 7.51
C LYS E 110 25.76 -12.25 6.78
N VAL E 111 25.59 -13.35 7.54
CA VAL E 111 25.26 -14.68 6.99
C VAL E 111 24.08 -15.28 7.74
N SER E 112 23.07 -15.67 6.98
CA SER E 112 21.89 -16.28 7.49
C SER E 112 21.90 -17.73 7.02
N ASP E 113 21.49 -18.62 7.93
CA ASP E 113 21.38 -20.06 7.71
C ASP E 113 19.99 -20.46 8.17
N TYR E 114 19.22 -20.96 7.24
CA TYR E 114 17.94 -21.50 7.51
C TYR E 114 17.95 -22.98 7.22
N GLU E 115 17.04 -23.68 7.88
CA GLU E 115 16.91 -25.12 7.78
C GLU E 115 15.44 -25.41 7.63
N MET E 116 15.04 -25.81 6.42
CA MET E 116 13.63 -26.20 6.12
C MET E 116 13.28 -27.69 6.24
N LYS E 117 12.26 -28.02 7.02
CA LYS E 117 11.72 -29.37 7.10
C LYS E 117 11.07 -29.78 5.78
N LEU E 118 11.40 -30.97 5.32
CA LEU E 118 10.79 -31.50 4.10
C LEU E 118 9.60 -32.36 4.44
N MET E 119 8.71 -32.51 3.46
CA MET E 119 7.53 -33.31 3.55
C MET E 119 7.78 -34.60 2.78
N ASP E 120 7.10 -35.66 3.16
CA ASP E 120 7.07 -36.91 2.40
C ASP E 120 5.89 -36.81 1.50
N LEU E 121 6.14 -36.77 0.20
CA LEU E 121 5.07 -36.56 -0.79
C LEU E 121 5.04 -37.75 -1.72
N ASP E 122 3.84 -38.28 -1.95
CA ASP E 122 3.59 -39.39 -2.86
C ASP E 122 3.67 -38.83 -4.28
N VAL E 123 4.59 -39.41 -5.07
CA VAL E 123 4.98 -38.89 -6.40
C VAL E 123 3.83 -38.67 -7.41
N GLU E 124 3.63 -39.64 -8.31
CA GLU E 124 2.68 -39.50 -9.42
C GLU E 124 3.05 -38.39 -10.42
N GLN E 125 4.06 -38.64 -11.26
CA GLN E 125 4.52 -37.63 -12.26
C GLN E 125 4.39 -38.12 -13.72
N LEU E 126 3.40 -37.58 -14.43
CA LEU E 126 3.13 -38.02 -15.80
C LEU E 126 3.85 -37.11 -16.78
N GLY E 127 4.28 -37.69 -17.90
CA GLY E 127 5.02 -36.96 -18.89
C GLY E 127 4.18 -35.92 -19.60
N ILE E 128 4.77 -34.76 -19.84
CA ILE E 128 4.19 -33.71 -20.67
C ILE E 128 4.54 -33.96 -22.14
N PRO E 129 3.52 -34.11 -23.00
CA PRO E 129 3.79 -34.28 -24.43
C PRO E 129 4.75 -33.24 -25.06
N GLU E 130 5.55 -33.74 -25.99
CA GLU E 130 6.45 -32.94 -26.81
C GLU E 130 5.65 -32.64 -28.08
N GLN E 131 5.53 -31.36 -28.43
CA GLN E 131 4.86 -31.00 -29.65
C GLN E 131 5.28 -29.62 -30.13
N GLU E 132 4.76 -29.28 -31.30
CA GLU E 132 4.88 -27.96 -31.88
C GLU E 132 3.47 -27.39 -31.98
N TYR E 133 3.39 -26.08 -32.21
CA TYR E 133 2.12 -25.36 -32.04
C TYR E 133 1.73 -24.54 -33.25
N SER E 134 0.41 -24.41 -33.45
CA SER E 134 -0.16 -23.64 -34.55
C SER E 134 0.30 -22.19 -34.51
N CYS E 135 0.21 -21.56 -33.32
CA CYS E 135 0.64 -20.18 -33.10
C CYS E 135 1.52 -20.06 -31.87
N VAL E 136 2.62 -19.34 -32.02
CA VAL E 136 3.49 -18.97 -30.94
C VAL E 136 3.59 -17.41 -30.97
N VAL E 137 3.23 -16.79 -29.85
CA VAL E 137 3.18 -15.37 -29.73
C VAL E 137 4.22 -14.95 -28.70
N LYS E 138 5.17 -14.15 -29.11
CA LYS E 138 6.11 -13.56 -28.19
C LYS E 138 5.72 -12.12 -28.02
N MET E 139 5.61 -11.68 -26.77
CA MET E 139 5.27 -10.33 -26.50
C MET E 139 5.85 -9.90 -25.20
N PRO E 140 5.86 -8.58 -24.92
CA PRO E 140 6.29 -8.11 -23.59
C PRO E 140 5.47 -8.66 -22.39
N SER E 141 6.17 -9.07 -21.34
CA SER E 141 5.53 -9.71 -20.21
C SER E 141 4.57 -8.77 -19.43
N GLY E 142 4.95 -7.50 -19.26
CA GLY E 142 4.16 -6.46 -18.62
C GLY E 142 2.87 -6.22 -19.37
N GLU E 143 2.90 -6.30 -20.71
CA GLU E 143 1.67 -6.13 -21.51
C GLU E 143 0.72 -7.24 -21.30
N PHE E 144 1.22 -8.45 -21.38
CA PHE E 144 0.38 -9.61 -21.12
C PHE E 144 -0.21 -9.57 -19.70
N ALA E 145 0.56 -9.12 -18.71
CA ALA E 145 0.02 -9.07 -17.33
C ALA E 145 -1.17 -8.11 -17.22
N ARG E 146 -0.96 -6.90 -17.75
CA ARG E 146 -1.95 -5.83 -17.86
C ARG E 146 -3.20 -6.29 -18.64
N ILE E 147 -3.03 -6.78 -19.86
CA ILE E 147 -4.17 -7.34 -20.62
C ILE E 147 -5.00 -8.36 -19.80
N CYS E 148 -4.35 -9.30 -19.12
CA CYS E 148 -5.08 -10.32 -18.35
C CYS E 148 -5.82 -9.73 -17.15
N ARG E 149 -5.15 -8.79 -16.47
CA ARG E 149 -5.71 -8.05 -15.36
C ARG E 149 -6.95 -7.22 -15.76
N ASP E 150 -6.80 -6.44 -16.82
CA ASP E 150 -7.89 -5.59 -17.30
C ASP E 150 -9.06 -6.45 -17.72
N LEU E 151 -8.90 -7.26 -18.75
CA LEU E 151 -10.00 -8.19 -19.11
C LEU E 151 -10.71 -8.95 -17.95
N SER E 152 -10.00 -9.31 -16.88
CA SER E 152 -10.63 -10.01 -15.76
C SER E 152 -11.62 -9.10 -15.01
N HIS E 153 -11.55 -7.80 -15.27
CA HIS E 153 -12.54 -6.86 -14.78
C HIS E 153 -13.82 -6.87 -15.58
N ILE E 154 -13.75 -7.38 -16.81
CA ILE E 154 -14.91 -7.47 -17.67
C ILE E 154 -15.53 -8.87 -17.63
N GLY E 155 -14.72 -9.91 -17.66
CA GLY E 155 -15.24 -11.28 -17.71
C GLY E 155 -14.35 -12.34 -17.05
N ASP E 156 -14.81 -13.61 -17.09
CA ASP E 156 -14.12 -14.73 -16.47
C ASP E 156 -13.13 -15.44 -17.44
N ALA E 157 -13.39 -15.28 -18.73
CA ALA E 157 -12.79 -16.09 -19.78
C ALA E 157 -12.15 -15.20 -20.83
N VAL E 158 -10.93 -15.53 -21.27
CA VAL E 158 -10.33 -14.78 -22.37
C VAL E 158 -10.36 -15.59 -23.64
N VAL E 159 -10.96 -15.03 -24.68
CA VAL E 159 -10.85 -15.62 -26.01
C VAL E 159 -9.57 -15.07 -26.62
N ILE E 160 -8.62 -15.96 -26.92
CA ILE E 160 -7.38 -15.55 -27.55
C ILE E 160 -7.50 -15.93 -29.02
N SER E 161 -7.19 -14.98 -29.88
CA SER E 161 -7.53 -15.10 -31.27
C SER E 161 -6.33 -14.55 -32.01
N CYS E 162 -5.77 -15.33 -32.89
CA CYS E 162 -4.44 -15.07 -33.41
C CYS E 162 -4.45 -15.28 -34.93
N ALA E 163 -3.93 -14.29 -35.67
CA ALA E 163 -3.64 -14.43 -37.11
C ALA E 163 -2.20 -13.96 -37.40
N LYS E 164 -1.81 -13.94 -38.67
CA LYS E 164 -0.40 -13.73 -39.04
C LYS E 164 0.16 -12.35 -38.67
N ASP E 165 -0.74 -11.37 -38.60
CA ASP E 165 -0.40 -9.96 -38.44
C ASP E 165 -0.70 -9.40 -37.03
N GLY E 166 -1.51 -10.11 -36.24
CA GLY E 166 -1.86 -9.62 -34.91
C GLY E 166 -2.53 -10.65 -34.03
N VAL E 167 -2.57 -10.36 -32.72
CA VAL E 167 -3.30 -11.17 -31.75
C VAL E 167 -4.36 -10.36 -31.02
N LYS E 168 -5.50 -11.00 -30.78
CA LYS E 168 -6.61 -10.39 -30.09
C LYS E 168 -7.00 -11.14 -28.84
N PHE E 169 -7.32 -10.38 -27.79
CA PHE E 169 -7.75 -10.93 -26.51
C PHE E 169 -9.14 -10.33 -26.21
N SER E 170 -10.14 -11.16 -25.97
CA SER E 170 -11.51 -10.74 -25.79
C SER E 170 -12.11 -11.30 -24.51
N ALA E 171 -12.93 -10.50 -23.82
CA ALA E 171 -13.66 -10.95 -22.61
C ALA E 171 -15.09 -10.41 -22.69
N SER E 172 -15.99 -10.94 -21.88
CA SER E 172 -17.39 -10.66 -22.01
C SER E 172 -18.07 -11.07 -20.73
N GLY E 173 -18.76 -10.14 -20.08
CA GLY E 173 -19.50 -10.39 -18.84
C GLY E 173 -20.79 -9.59 -18.76
N GLU E 174 -21.25 -9.41 -17.53
CA GLU E 174 -22.50 -8.73 -17.21
C GLU E 174 -22.55 -7.29 -17.65
N LEU E 175 -21.45 -6.58 -17.43
CA LEU E 175 -21.39 -5.15 -17.73
C LEU E 175 -21.17 -4.82 -19.20
N GLY E 176 -20.80 -5.81 -19.99
CA GLY E 176 -20.47 -5.61 -21.40
C GLY E 176 -19.31 -6.51 -21.84
N ASN E 177 -18.57 -6.09 -22.85
CA ASN E 177 -17.48 -6.82 -23.41
C ASN E 177 -16.31 -5.90 -23.79
N GLY E 178 -15.17 -6.54 -24.07
CA GLY E 178 -13.96 -5.85 -24.43
C GLY E 178 -13.05 -6.72 -25.28
N ASN E 179 -12.22 -6.07 -26.11
CA ASN E 179 -11.20 -6.72 -26.86
C ASN E 179 -10.02 -5.80 -27.09
N ILE E 180 -8.85 -6.39 -26.87
CA ILE E 180 -7.57 -5.73 -27.07
C ILE E 180 -6.86 -6.37 -28.28
N LYS E 181 -6.48 -5.52 -29.22
CA LYS E 181 -5.84 -5.97 -30.42
C LYS E 181 -4.43 -5.42 -30.43
N LEU E 182 -3.44 -6.33 -30.43
CA LEU E 182 -2.03 -5.99 -30.66
C LEU E 182 -1.57 -6.35 -32.07
N SER E 183 -0.98 -5.38 -32.75
CA SER E 183 -0.30 -5.62 -34.03
C SER E 183 1.14 -6.20 -33.87
N GLN E 184 1.47 -7.15 -34.75
CA GLN E 184 2.84 -7.57 -34.89
C GLN E 184 3.70 -6.36 -35.22
N THR E 185 4.85 -6.32 -34.57
CA THR E 185 5.72 -5.16 -34.54
C THR E 185 7.06 -5.39 -35.29
N SER E 186 7.88 -4.35 -35.32
CA SER E 186 9.23 -4.35 -35.95
C SER E 186 10.38 -4.16 -34.93
N ALA E 194 8.50 -5.59 -28.42
CA ALA E 194 8.21 -6.36 -29.65
C ALA E 194 7.10 -7.42 -29.54
N VAL E 195 6.21 -7.43 -30.51
CA VAL E 195 5.18 -8.44 -30.62
C VAL E 195 5.40 -9.27 -31.89
N THR E 196 5.68 -10.55 -31.70
CA THR E 196 6.08 -11.43 -32.81
C THR E 196 5.18 -12.64 -32.87
N ILE E 197 4.76 -13.00 -34.08
CA ILE E 197 3.80 -14.10 -34.28
C ILE E 197 4.31 -15.09 -35.33
N GLU E 198 4.46 -16.34 -34.90
CA GLU E 198 4.98 -17.42 -35.72
C GLU E 198 3.85 -18.42 -35.82
N MET E 199 3.16 -18.42 -36.95
CA MET E 199 1.89 -19.05 -37.12
C MET E 199 1.88 -20.04 -38.31
N ASN E 200 1.55 -21.29 -38.02
CA ASN E 200 1.28 -22.32 -39.03
C ASN E 200 -0.19 -22.24 -39.43
N GLU E 201 -1.06 -21.97 -38.47
CA GLU E 201 -2.46 -21.66 -38.76
C GLU E 201 -3.13 -20.88 -37.62
N PRO E 202 -4.22 -20.13 -37.92
CA PRO E 202 -4.96 -19.35 -36.93
C PRO E 202 -5.60 -20.22 -35.84
N VAL E 203 -5.89 -19.59 -34.72
CA VAL E 203 -6.41 -20.28 -33.54
C VAL E 203 -7.37 -19.32 -32.94
N GLN E 204 -8.38 -19.84 -32.27
CA GLN E 204 -9.31 -19.03 -31.52
C GLN E 204 -9.70 -19.89 -30.31
N LEU E 205 -9.08 -19.60 -29.17
CA LEU E 205 -9.11 -20.48 -28.01
C LEU E 205 -9.53 -19.72 -26.74
N THR E 206 -10.21 -20.40 -25.84
CA THR E 206 -10.75 -19.76 -24.66
C THR E 206 -10.15 -20.34 -23.37
N PHE E 207 -9.81 -19.44 -22.46
CA PHE E 207 -9.16 -19.79 -21.21
C PHE E 207 -9.64 -18.99 -19.99
N ALA E 208 -9.41 -19.55 -18.80
CA ALA E 208 -9.79 -19.00 -17.51
C ALA E 208 -8.79 -17.97 -17.00
N LEU E 209 -9.25 -16.72 -16.91
CA LEU E 209 -8.40 -15.57 -16.55
C LEU E 209 -7.84 -15.71 -15.12
N ARG E 210 -8.63 -16.29 -14.26
CA ARG E 210 -8.24 -16.56 -12.90
C ARG E 210 -6.88 -17.25 -12.76
N TYR E 211 -6.66 -18.25 -13.59
CA TYR E 211 -5.38 -18.97 -13.65
C TYR E 211 -4.28 -18.09 -14.29
N LEU E 212 -4.62 -17.39 -15.37
CA LEU E 212 -3.67 -16.58 -16.10
C LEU E 212 -3.05 -15.47 -15.24
N ASN E 213 -3.90 -14.76 -14.51
CA ASN E 213 -3.46 -13.79 -13.56
C ASN E 213 -2.66 -14.37 -12.43
N PHE E 214 -2.66 -15.68 -12.23
CA PHE E 214 -1.61 -16.28 -11.41
C PHE E 214 -0.31 -16.56 -12.15
N PHE E 215 -0.39 -16.96 -13.38
CA PHE E 215 0.85 -17.17 -14.10
C PHE E 215 1.69 -15.90 -14.12
N THR E 216 1.06 -14.72 -14.17
CA THR E 216 1.71 -13.45 -14.48
C THR E 216 2.53 -12.94 -13.30
N LYS E 217 2.41 -13.64 -12.18
CA LYS E 217 3.26 -13.38 -11.00
C LYS E 217 4.74 -13.78 -11.22
N ALA E 218 4.99 -14.46 -12.33
CA ALA E 218 6.31 -14.73 -12.87
C ALA E 218 6.94 -13.57 -13.68
N THR E 219 6.16 -12.52 -13.92
CA THR E 219 6.57 -11.41 -14.75
C THR E 219 7.95 -10.86 -14.41
N PRO E 220 8.26 -10.73 -13.11
CA PRO E 220 9.64 -10.25 -12.78
C PRO E 220 10.81 -11.14 -13.30
N LEU E 221 10.55 -12.38 -13.68
CA LEU E 221 11.64 -13.23 -14.22
C LEU E 221 12.13 -12.79 -15.60
N SER E 222 11.27 -12.16 -16.37
CA SER E 222 11.60 -11.86 -17.76
C SER E 222 10.75 -10.71 -18.24
N SER E 223 11.30 -9.98 -19.19
CA SER E 223 10.66 -8.85 -19.80
C SER E 223 9.84 -9.28 -20.98
N THR E 224 10.00 -10.54 -21.34
CA THR E 224 9.13 -11.16 -22.34
C THR E 224 8.46 -12.45 -21.85
N VAL E 225 7.35 -12.79 -22.49
CA VAL E 225 6.63 -14.01 -22.26
C VAL E 225 6.24 -14.57 -23.64
N THR E 226 6.09 -15.90 -23.76
CA THR E 226 5.66 -16.52 -25.02
C THR E 226 4.46 -17.38 -24.79
N LEU E 227 3.49 -17.27 -25.71
CA LEU E 227 2.26 -18.01 -25.64
C LEU E 227 2.25 -18.97 -26.80
N SER E 228 2.15 -20.25 -26.50
CA SER E 228 2.06 -21.33 -27.52
C SER E 228 0.70 -21.98 -27.47
N MET E 229 0.02 -22.01 -28.60
CA MET E 229 -1.30 -22.61 -28.64
C MET E 229 -1.66 -23.39 -29.91
N SER E 230 -2.53 -24.39 -29.68
CA SER E 230 -3.19 -25.17 -30.70
C SER E 230 -4.58 -25.53 -30.24
N ALA E 231 -5.46 -25.82 -31.20
CA ALA E 231 -6.76 -26.41 -30.91
C ALA E 231 -6.59 -27.75 -30.13
N ASP E 232 -7.46 -28.00 -29.15
CA ASP E 232 -7.52 -29.28 -28.41
C ASP E 232 -6.31 -29.57 -27.51
N VAL E 233 -5.54 -28.53 -27.13
CA VAL E 233 -4.40 -28.73 -26.24
C VAL E 233 -4.18 -27.53 -25.29
N PRO E 234 -3.55 -27.77 -24.13
CA PRO E 234 -3.24 -26.66 -23.23
C PRO E 234 -2.44 -25.48 -23.83
N LEU E 235 -2.73 -24.31 -23.30
CA LEU E 235 -1.93 -23.11 -23.49
C LEU E 235 -0.66 -23.30 -22.71
N VAL E 236 0.49 -22.94 -23.34
CA VAL E 236 1.73 -22.83 -22.61
C VAL E 236 2.10 -21.35 -22.54
N VAL E 237 2.33 -20.88 -21.30
CA VAL E 237 2.85 -19.53 -21.00
C VAL E 237 4.24 -19.72 -20.43
N GLU E 238 5.25 -19.32 -21.17
CA GLU E 238 6.60 -19.60 -20.74
C GLU E 238 7.32 -18.31 -20.42
N TYR E 239 8.00 -18.34 -19.28
CA TYR E 239 8.93 -17.31 -18.90
C TYR E 239 10.37 -17.85 -18.86
N LYS E 240 11.26 -17.28 -19.67
CA LYS E 240 12.71 -17.58 -19.57
C LYS E 240 13.37 -17.00 -18.31
N ILE E 241 14.19 -17.84 -17.65
CA ILE E 241 14.99 -17.48 -16.53
C ILE E 241 16.41 -17.41 -17.09
N ALA E 242 16.82 -16.22 -17.51
CA ALA E 242 17.88 -16.07 -18.51
C ALA E 242 19.13 -16.82 -18.19
N ASP E 243 19.62 -17.49 -19.21
CA ASP E 243 20.81 -18.31 -19.17
C ASP E 243 20.76 -19.38 -18.10
N MET E 244 19.59 -19.97 -17.88
CA MET E 244 19.54 -21.04 -16.90
C MET E 244 18.33 -21.94 -16.84
N GLY E 245 17.21 -21.53 -17.41
CA GLY E 245 16.01 -22.33 -17.44
C GLY E 245 14.78 -21.54 -17.84
N HIS E 246 13.65 -21.87 -17.21
CA HIS E 246 12.38 -21.32 -17.58
C HIS E 246 11.33 -21.80 -16.61
N LEU E 247 10.21 -21.13 -16.68
CA LEU E 247 9.01 -21.47 -15.95
C LEU E 247 7.87 -21.52 -16.98
N LYS E 248 7.34 -22.72 -17.18
CA LYS E 248 6.22 -22.97 -18.03
C LYS E 248 4.99 -23.29 -17.18
N TYR E 249 3.91 -22.64 -17.56
CA TYR E 249 2.63 -22.88 -17.03
C TYR E 249 1.77 -23.41 -18.14
N TYR E 250 1.14 -24.55 -17.92
CA TYR E 250 0.15 -25.09 -18.88
C TYR E 250 -1.28 -24.91 -18.36
N LEU E 251 -2.18 -24.53 -19.26
CA LEU E 251 -3.56 -24.26 -18.91
C LEU E 251 -4.51 -24.99 -19.82
N ALA E 252 -5.25 -25.95 -19.25
CA ALA E 252 -6.28 -26.66 -19.99
C ALA E 252 -7.32 -25.69 -20.58
N PRO E 253 -7.76 -25.95 -21.82
CA PRO E 253 -8.75 -25.06 -22.39
C PRO E 253 -9.99 -24.98 -21.52
N LYS E 254 -10.71 -23.87 -21.61
CA LYS E 254 -11.95 -23.74 -20.82
C LYS E 254 -13.10 -24.40 -21.56
N ILE E 255 -13.92 -25.11 -20.79
CA ILE E 255 -14.97 -26.00 -21.33
C ILE E 255 -16.33 -25.34 -21.44
N GLU E 256 -16.99 -25.09 -20.30
CA GLU E 256 -18.43 -24.72 -20.28
C GLU E 256 -19.35 -25.73 -20.99
N LYS F 7 -11.57 -33.20 -19.60
CA LYS F 7 -11.03 -32.44 -20.78
C LYS F 7 -10.57 -31.00 -20.45
N GLY F 8 -11.16 -30.42 -19.41
CA GLY F 8 -10.69 -29.17 -18.85
C GLY F 8 -9.78 -29.44 -17.66
N LEU F 9 -9.19 -30.63 -17.65
CA LEU F 9 -8.20 -30.99 -16.67
C LEU F 9 -6.93 -31.37 -17.42
N ILE F 10 -5.79 -31.07 -16.81
CA ILE F 10 -4.51 -31.39 -17.41
C ILE F 10 -4.29 -32.91 -17.58
N ASP F 11 -4.78 -33.69 -16.62
CA ASP F 11 -4.71 -35.18 -16.67
C ASP F 11 -5.07 -35.68 -18.06
N TYR F 12 -6.11 -35.08 -18.65
CA TYR F 12 -6.59 -35.49 -19.96
C TYR F 12 -5.48 -35.61 -20.98
N TYR F 13 -4.44 -34.79 -20.82
CA TYR F 13 -3.45 -34.49 -21.86
C TYR F 13 -2.10 -35.11 -21.54
N LEU F 14 -2.01 -35.72 -20.36
CA LEU F 14 -0.75 -36.25 -19.86
C LEU F 14 -0.55 -37.69 -20.32
N MET F 15 0.69 -38.14 -20.18
CA MET F 15 1.26 -39.17 -21.02
C MET F 15 2.13 -40.11 -20.20
#